data_9F6Y
#
_entry.id   9F6Y
#
_cell.length_a   1.00
_cell.length_b   1.00
_cell.length_c   1.00
_cell.angle_alpha   90.00
_cell.angle_beta   90.00
_cell.angle_gamma   90.00
#
_symmetry.space_group_name_H-M   'P 1'
#
loop_
_entity.id
_entity.type
_entity.pdbx_description
1 polymer 'Mediator of RNA polymerase II transcription subunit 23'
2 polymer 'Green fluorescent protein,ETS domain-containing protein Elk-1'
#
loop_
_entity_poly.entity_id
_entity_poly.type
_entity_poly.pdbx_seq_one_letter_code
_entity_poly.pdbx_strand_id
1 'polypeptide(L)'
;METQLQSIFEEVVKTEVIEEAFPGMFMDTPEDEKTKLISCLGAFRQFWGGLSQESHEQCIQWIVKFIHGQHSPKRISFLY
DCLAMAVETGLLPPRLVCESLINSDTLEWERTQLWALTFKLVRKIIGGVDYKGVRDLLKVILEKILTIPNTVSSAVVQQL
LAAREVIAYILERNACLLPAYFAVTEIRKLYPEGKLPHWLLGNLVSDFVDTFRPTARINSICGRCSLLPVVNNSGAICNS
WKLDPATLRFPLKGLLPYDKDLFEPQTALLRYVLEQPYSRDMVCNMLGLNKQHKQRCPVLEDQLVDLVVYAMERSETEEK
FDDGGTSQLLWQHLSSQLIFFVLFQFASFPHMVLSLHQKLAGRGLIKGRDHLMWVLLQFISGSIQKNALADFLPVMKLFD
LLYPEKEYIPVPDINKPQSTHAFAMTCIWIHLNRKAQNDNSKLQIPIPHSLRLHHEFLQQSLRNKSLQMNDYKIALLCNA
YSTNSECFTLPMGALVETIYGNGIMRIPLPGTNCMASGSITPLPMNLLDSLTVHAKMSLIHSIATRVIKLAHAKSSVALA
PALVETYSRLLVYMEIESLGIKGFISQLLPTVFKSHAWGILHTLLEMFSYRMHHIQPHYRVQLLSHLHTLAAVAQTNQNQ
LHLCVESTALRLITALGSSEVQPQFTRFLSDPKTVLSAESEELNRALILTLARATHVTDFFTGSDSIQGTWCKDILQTIM
SFTPHNWASHTLSCFPGPLQAFFKQNNVPQESRFNLKKNVEEEYRKWKSMSNENDIITHFSMQGSPPLFLCLLWKMLLET
DHINQIGYRVLERIGARALVAHVRTFADFLVYEFSTSAGGQQLNKCIEILNDMVWKYNIVTLDRLILCLAMRSHEGNEAQ
VCYFIIQLLLLKPNDFRNRVSDFVKENSPEHWLQNDWHTKHMNYHKKYPEKLYFEGLAEQVDPPVQIQSPYLPIYFGNVC
LRFLPVFDIVIHRFLELLPVSKSLETLLDHLGGLYKFHDRPVTYLYNTLHYYEMHLRDRAFLKRKLVHAIIGSLKDNRPQ
GWCLSDTYLKCAMNAREENPWVPDDTYYCRLIGRLVDTMAGKSPGPFPNCDWRFNEFPNPAAHALHVTCVELMALAVSGK
EVGNALLNVVLKSQPLVPRENITAWMNAIGLIITALPEPYWIVLHDRIVSVISSPSLTSETEWVGYPFRLFDFTACHQSY
SEMSCSYTLALAHAVWHHSSIGQLSLIPKFLTEVLLPIVKTEFQLLYVYHLVGPFLQRFQQERTRCMIEIGVAFYDMLLN
VDQCSTHLNYMDPICDFLYHMKYMFTGDSVKEQVEKIICNLKPALKLRLRFITHISKMEPAAVPPQAMNSGSPAPQSNQV
PVSLPVTQDVLFQGPGHHHHHH
;
A
2 'polypeptide(L)'
;MVSKGEELFTGVVPILVELDGDVNGHKFSVSGEGEGDATYGKLTLKFICTTGKLPVPWPTLVTTLTYGVQCFSRYPDHMK
QHDFFKSAMPEGYVQERTIFFKDDGNYKTRAEVKFEGDTLVNRIELKGIDFKEDGNILGHKLEYNYNSHNVYIMADKQKN
GIKVNFKIRHNIEDGSVQLADHYQQNTPIGDGPVLLPDNHYLSTQSKLSKDPNEKRDHMVLLEFVTAAGITLGMDELYKG
SSQPQKGRKPRDLELPLSPSLLGGPGPERAPGSGSGSGLQAPGPALAPSLLPTHTLAPVLLTPSSLPPSIHFWSTL
(SEP)PIAPRSPAKLSFQFPSSGHHHHHH
;
B
#
# COMPACT_ATOMS: atom_id res chain seq x y z
N GLN A 53 -50.90 -27.12 28.66
CA GLN A 53 -49.93 -26.07 28.38
C GLN A 53 -48.93 -26.57 27.35
N GLU A 54 -48.08 -27.51 27.80
CA GLU A 54 -47.13 -28.14 26.89
C GLU A 54 -47.83 -29.01 25.87
N SER A 55 -48.94 -29.65 26.26
CA SER A 55 -49.68 -30.55 25.39
C SER A 55 -50.82 -29.86 24.63
N HIS A 56 -50.99 -28.54 24.79
CA HIS A 56 -52.03 -27.84 24.03
C HIS A 56 -51.78 -27.94 22.53
N GLU A 57 -50.53 -27.76 22.10
CA GLU A 57 -50.24 -27.83 20.67
C GLU A 57 -50.49 -29.23 20.13
N GLN A 58 -50.10 -30.26 20.89
CA GLN A 58 -50.35 -31.64 20.47
C GLN A 58 -51.85 -31.92 20.38
N CYS A 59 -52.62 -31.44 21.36
CA CYS A 59 -54.06 -31.63 21.33
C CYS A 59 -54.68 -30.91 20.14
N ILE A 60 -54.21 -29.69 19.84
CA ILE A 60 -54.73 -28.95 18.70
C ILE A 60 -54.44 -29.69 17.40
N GLN A 61 -53.22 -30.21 17.26
CA GLN A 61 -52.87 -30.96 16.06
C GLN A 61 -53.69 -32.24 15.94
N TRP A 62 -53.92 -32.91 17.08
CA TRP A 62 -54.76 -34.11 17.06
C TRP A 62 -56.18 -33.79 16.63
N ILE A 63 -56.73 -32.67 17.12
CA ILE A 63 -58.06 -32.25 16.68
C ILE A 63 -58.05 -31.92 15.19
N VAL A 64 -56.95 -31.32 14.71
CA VAL A 64 -56.85 -30.95 13.31
C VAL A 64 -56.90 -32.19 12.42
N LYS A 65 -56.13 -33.22 12.77
CA LYS A 65 -56.14 -34.43 11.95
C LYS A 65 -57.42 -35.22 12.13
N PHE A 66 -58.06 -35.13 13.30
CA PHE A 66 -59.37 -35.74 13.48
C PHE A 66 -60.40 -35.08 12.56
N ILE A 67 -60.35 -33.76 12.44
CA ILE A 67 -61.23 -33.06 11.50
C ILE A 67 -60.90 -33.45 10.07
N HIS A 68 -59.61 -33.51 9.73
CA HIS A 68 -59.20 -33.84 8.38
C HIS A 68 -59.49 -35.30 8.01
N GLY A 69 -59.73 -36.16 9.01
CA GLY A 69 -60.04 -37.54 8.72
C GLY A 69 -61.39 -37.76 8.08
N GLN A 70 -62.30 -36.81 8.22
CA GLN A 70 -63.62 -36.92 7.61
C GLN A 70 -63.52 -36.83 6.09
N HIS A 71 -64.53 -37.37 5.42
CA HIS A 71 -64.59 -37.36 3.96
C HIS A 71 -65.73 -36.53 3.39
N SER A 72 -66.73 -36.18 4.20
CA SER A 72 -67.84 -35.38 3.70
C SER A 72 -67.39 -33.93 3.57
N PRO A 73 -67.44 -33.35 2.37
CA PRO A 73 -67.01 -31.94 2.23
C PRO A 73 -67.82 -30.97 3.08
N LYS A 74 -69.13 -31.20 3.19
CA LYS A 74 -69.97 -30.31 3.99
C LYS A 74 -69.60 -30.40 5.47
N ARG A 75 -69.37 -31.62 5.97
CA ARG A 75 -68.97 -31.78 7.37
C ARG A 75 -67.61 -31.16 7.63
N ILE A 76 -66.66 -31.33 6.70
CA ILE A 76 -65.35 -30.71 6.85
C ILE A 76 -65.48 -29.19 6.87
N SER A 77 -66.30 -28.63 5.98
CA SER A 77 -66.49 -27.18 5.96
C SER A 77 -67.13 -26.69 7.25
N PHE A 78 -68.10 -27.43 7.78
CA PHE A 78 -68.73 -27.03 9.03
C PHE A 78 -67.74 -27.05 10.19
N LEU A 79 -66.90 -28.09 10.26
CA LEU A 79 -65.88 -28.15 11.29
C LEU A 79 -64.89 -27.00 11.14
N TYR A 80 -64.50 -26.68 9.91
CA TYR A 80 -63.59 -25.56 9.68
C TYR A 80 -64.22 -24.24 10.11
N ASP A 81 -65.51 -24.05 9.83
CA ASP A 81 -66.19 -22.82 10.25
C ASP A 81 -66.28 -22.74 11.77
N CYS A 82 -66.54 -23.87 12.44
CA CYS A 82 -66.57 -23.87 13.90
C CYS A 82 -65.20 -23.53 14.47
N LEU A 83 -64.14 -24.07 13.89
CA LEU A 83 -62.80 -23.69 14.31
C LEU A 83 -62.53 -22.21 14.04
N ALA A 84 -63.06 -21.70 12.93
CA ALA A 84 -62.87 -20.29 12.60
C ALA A 84 -63.49 -19.39 13.65
N MET A 85 -64.71 -19.69 14.09
CA MET A 85 -65.36 -18.85 15.08
C MET A 85 -64.69 -19.01 16.44
N ALA A 86 -64.23 -20.22 16.76
CA ALA A 86 -63.47 -20.42 17.99
C ALA A 86 -62.18 -19.61 17.98
N VAL A 87 -61.54 -19.52 16.82
CA VAL A 87 -60.31 -18.74 16.71
C VAL A 87 -60.61 -17.25 16.85
N GLU A 88 -61.65 -16.75 16.17
CA GLU A 88 -61.90 -15.32 16.17
C GLU A 88 -62.31 -14.80 17.55
N THR A 89 -62.89 -15.65 18.39
CA THR A 89 -63.24 -15.22 19.74
C THR A 89 -62.06 -15.32 20.70
N GLY A 90 -60.93 -15.86 20.27
CA GLY A 90 -59.75 -15.94 21.10
C GLY A 90 -59.54 -17.24 21.84
N LEU A 91 -60.19 -18.33 21.41
CA LEU A 91 -60.03 -19.59 22.11
C LEU A 91 -58.67 -20.23 21.83
N LEU A 92 -58.07 -19.92 20.69
CA LEU A 92 -56.80 -20.51 20.30
C LEU A 92 -55.80 -19.43 19.91
N PRO A 93 -54.52 -19.64 20.20
CA PRO A 93 -53.50 -18.68 19.76
C PRO A 93 -53.34 -18.72 18.25
N PRO A 94 -53.34 -17.56 17.60
CA PRO A 94 -53.24 -17.54 16.13
C PRO A 94 -51.97 -18.19 15.60
N ARG A 95 -50.84 -17.98 16.27
CA ARG A 95 -49.59 -18.60 15.84
C ARG A 95 -49.70 -20.13 15.87
N LEU A 96 -50.22 -20.67 16.97
CA LEU A 96 -50.32 -22.12 17.10
C LEU A 96 -51.29 -22.71 16.08
N VAL A 97 -52.45 -22.07 15.89
CA VAL A 97 -53.46 -22.65 15.01
C VAL A 97 -53.00 -22.59 13.55
N CYS A 98 -52.39 -21.47 13.14
CA CYS A 98 -51.91 -21.37 11.76
C CYS A 98 -50.75 -22.33 11.51
N GLU A 99 -49.83 -22.44 12.47
CA GLU A 99 -48.72 -23.38 12.32
C GLU A 99 -49.23 -24.81 12.23
N SER A 100 -50.22 -25.16 13.06
CA SER A 100 -50.76 -26.52 13.03
C SER A 100 -51.44 -26.83 11.71
N LEU A 101 -52.32 -25.94 11.25
CA LEU A 101 -53.05 -26.19 10.01
C LEU A 101 -52.12 -26.25 8.81
N ILE A 102 -51.01 -25.51 8.84
CA ILE A 102 -50.11 -25.47 7.69
C ILE A 102 -49.07 -26.59 7.75
N ASN A 103 -48.58 -26.93 8.93
CA ASN A 103 -47.59 -28.00 9.05
C ASN A 103 -48.22 -29.37 9.26
N SER A 104 -49.54 -29.48 9.18
CA SER A 104 -50.18 -30.80 9.25
C SER A 104 -49.67 -31.69 8.13
N ASP A 105 -49.32 -32.93 8.49
CA ASP A 105 -48.67 -33.83 7.54
C ASP A 105 -49.62 -34.32 6.45
N THR A 106 -50.92 -34.26 6.68
CA THR A 106 -51.88 -34.77 5.70
C THR A 106 -52.16 -33.79 4.57
N LEU A 107 -51.63 -32.57 4.64
CA LEU A 107 -51.90 -31.57 3.61
C LEU A 107 -51.06 -31.85 2.37
N GLU A 108 -51.73 -31.97 1.23
CA GLU A 108 -51.07 -32.30 -0.03
C GLU A 108 -51.98 -31.84 -1.16
N TRP A 109 -51.41 -31.49 -2.30
CA TRP A 109 -52.22 -30.93 -3.37
C TRP A 109 -53.18 -31.94 -3.98
N GLU A 110 -53.03 -33.23 -3.69
CA GLU A 110 -54.05 -34.20 -4.08
C GLU A 110 -55.36 -33.95 -3.34
N ARG A 111 -55.29 -33.63 -2.05
CA ARG A 111 -56.47 -33.25 -1.27
C ARG A 111 -56.81 -31.81 -1.61
N THR A 112 -57.45 -31.63 -2.77
CA THR A 112 -57.71 -30.29 -3.29
C THR A 112 -58.67 -29.52 -2.40
N GLN A 113 -59.79 -30.14 -2.03
CA GLN A 113 -60.77 -29.45 -1.20
C GLN A 113 -60.20 -29.12 0.17
N LEU A 114 -59.47 -30.06 0.77
CA LEU A 114 -58.85 -29.80 2.08
C LEU A 114 -57.84 -28.66 1.99
N TRP A 115 -57.04 -28.65 0.92
CA TRP A 115 -56.06 -27.58 0.73
C TRP A 115 -56.74 -26.23 0.59
N ALA A 116 -57.81 -26.16 -0.21
CA ALA A 116 -58.51 -24.90 -0.40
C ALA A 116 -59.16 -24.41 0.88
N LEU A 117 -59.79 -25.32 1.63
CA LEU A 117 -60.43 -24.94 2.88
C LEU A 117 -59.40 -24.46 3.90
N THR A 118 -58.28 -25.16 4.01
CA THR A 118 -57.24 -24.76 4.95
C THR A 118 -56.69 -23.38 4.61
N PHE A 119 -56.51 -23.11 3.32
CA PHE A 119 -55.92 -21.83 2.93
C PHE A 119 -56.92 -20.67 3.05
N LYS A 120 -58.21 -20.90 2.81
CA LYS A 120 -59.17 -19.84 3.10
C LYS A 120 -59.25 -19.59 4.60
N LEU A 121 -59.14 -20.64 5.41
CA LEU A 121 -59.14 -20.45 6.86
C LEU A 121 -57.92 -19.66 7.32
N VAL A 122 -56.73 -19.97 6.80
CA VAL A 122 -55.56 -19.24 7.22
C VAL A 122 -55.63 -17.80 6.72
N ARG A 123 -56.22 -17.58 5.54
CA ARG A 123 -56.45 -16.21 5.09
C ARG A 123 -57.37 -15.47 6.05
N LYS A 124 -58.41 -16.14 6.55
CA LYS A 124 -59.36 -15.49 7.46
C LYS A 124 -58.73 -15.20 8.81
N ILE A 125 -57.79 -16.02 9.27
CA ILE A 125 -57.26 -15.92 10.63
C ILE A 125 -55.81 -15.45 10.65
N ILE A 126 -55.29 -14.94 9.53
CA ILE A 126 -53.87 -14.57 9.47
C ILE A 126 -53.60 -13.17 10.00
N GLY A 127 -54.62 -12.37 10.27
CA GLY A 127 -54.43 -10.97 10.59
C GLY A 127 -53.97 -10.64 11.99
N GLY A 128 -53.84 -11.63 12.87
CA GLY A 128 -53.48 -11.35 14.25
C GLY A 128 -52.18 -11.96 14.70
N VAL A 129 -51.15 -11.91 13.85
CA VAL A 129 -49.87 -12.57 14.11
C VAL A 129 -48.76 -11.53 14.11
N ASP A 130 -47.84 -11.64 15.07
CA ASP A 130 -46.68 -10.77 15.10
C ASP A 130 -45.80 -11.00 13.88
N TYR A 131 -45.02 -9.98 13.53
CA TYR A 131 -44.37 -9.95 12.22
C TYR A 131 -43.29 -11.01 12.07
N LYS A 132 -42.60 -11.38 13.15
CA LYS A 132 -41.65 -12.50 13.07
C LYS A 132 -42.38 -13.80 12.74
N GLY A 133 -43.50 -14.05 13.41
CA GLY A 133 -44.30 -15.22 13.07
C GLY A 133 -44.80 -15.16 11.64
N VAL A 134 -45.26 -13.97 11.21
CA VAL A 134 -45.72 -13.80 9.84
C VAL A 134 -44.62 -14.14 8.84
N ARG A 135 -43.39 -13.71 9.13
CA ARG A 135 -42.28 -14.05 8.25
C ARG A 135 -42.05 -15.55 8.18
N ASP A 136 -42.15 -16.24 9.32
CA ASP A 136 -41.98 -17.68 9.34
C ASP A 136 -43.10 -18.37 8.57
N LEU A 137 -44.35 -17.90 8.73
CA LEU A 137 -45.45 -18.44 7.96
C LEU A 137 -45.26 -18.20 6.46
N LEU A 138 -44.74 -17.04 6.10
CA LEU A 138 -44.44 -16.78 4.69
C LEU A 138 -43.42 -17.79 4.17
N LYS A 139 -42.38 -18.05 4.96
CA LYS A 139 -41.34 -19.00 4.56
C LYS A 139 -41.92 -20.41 4.36
N VAL A 140 -42.71 -20.89 5.31
CA VAL A 140 -43.21 -22.25 5.22
C VAL A 140 -44.23 -22.37 4.10
N ILE A 141 -45.01 -21.32 3.83
CA ILE A 141 -45.98 -21.37 2.74
C ILE A 141 -45.26 -21.48 1.40
N LEU A 142 -44.20 -20.69 1.19
CA LEU A 142 -43.41 -20.83 -0.03
C LEU A 142 -42.75 -22.20 -0.13
N GLU A 143 -42.24 -22.72 0.98
CA GLU A 143 -41.63 -24.05 0.94
C GLU A 143 -42.65 -25.10 0.55
N LYS A 144 -43.88 -24.99 1.06
CA LYS A 144 -44.92 -25.95 0.70
C LYS A 144 -45.36 -25.82 -0.75
N ILE A 145 -45.56 -24.58 -1.21
CA ILE A 145 -46.08 -24.38 -2.57
C ILE A 145 -45.03 -24.70 -3.62
N LEU A 146 -43.75 -24.72 -3.24
CA LEU A 146 -42.70 -25.07 -4.19
C LEU A 146 -42.81 -26.49 -4.71
N THR A 147 -43.51 -27.37 -3.99
CA THR A 147 -43.60 -28.77 -4.36
C THR A 147 -44.67 -29.06 -5.42
N ILE A 148 -45.45 -28.06 -5.82
CA ILE A 148 -46.51 -28.30 -6.81
C ILE A 148 -45.89 -28.57 -8.16
N PRO A 149 -46.26 -29.66 -8.84
CA PRO A 149 -45.67 -29.94 -10.16
C PRO A 149 -46.16 -28.96 -11.22
N ASN A 150 -45.35 -28.85 -12.27
CA ASN A 150 -45.66 -27.92 -13.36
C ASN A 150 -46.95 -28.31 -14.08
N THR A 151 -47.14 -29.60 -14.33
CA THR A 151 -48.28 -30.10 -15.10
C THR A 151 -49.35 -30.60 -14.14
N VAL A 152 -50.43 -29.83 -14.03
CA VAL A 152 -51.59 -30.19 -13.21
C VAL A 152 -52.84 -29.92 -14.03
N SER A 153 -53.82 -30.83 -13.96
CA SER A 153 -55.06 -30.65 -14.68
C SER A 153 -55.78 -29.38 -14.24
N SER A 154 -56.41 -28.70 -15.19
CA SER A 154 -57.07 -27.42 -14.92
C SER A 154 -58.34 -27.57 -14.10
N ALA A 155 -58.81 -28.81 -13.87
CA ALA A 155 -60.02 -29.01 -13.09
C ALA A 155 -59.87 -28.60 -11.64
N VAL A 156 -58.63 -28.47 -11.15
CA VAL A 156 -58.37 -28.11 -9.77
C VAL A 156 -57.54 -26.84 -9.63
N VAL A 157 -57.13 -26.24 -10.74
CA VAL A 157 -56.27 -25.06 -10.65
C VAL A 157 -56.95 -23.95 -9.86
N GLN A 158 -58.22 -23.65 -10.19
CA GLN A 158 -58.96 -22.63 -9.46
C GLN A 158 -59.07 -22.97 -7.98
N GLN A 159 -59.01 -24.25 -7.63
CA GLN A 159 -59.01 -24.63 -6.22
C GLN A 159 -57.67 -24.36 -5.55
N LEU A 160 -56.58 -24.32 -6.32
CA LEU A 160 -55.26 -24.03 -5.77
C LEU A 160 -54.86 -22.56 -5.91
N LEU A 161 -55.81 -21.66 -6.11
CA LEU A 161 -55.52 -20.23 -6.04
C LEU A 161 -55.73 -19.64 -4.65
N ALA A 162 -56.15 -20.44 -3.66
CA ALA A 162 -56.27 -19.92 -2.30
C ALA A 162 -54.90 -19.56 -1.73
N ALA A 163 -53.86 -20.31 -2.08
CA ALA A 163 -52.50 -19.93 -1.71
C ALA A 163 -52.10 -18.60 -2.34
N ARG A 164 -52.51 -18.38 -3.59
CA ARG A 164 -52.26 -17.08 -4.20
C ARG A 164 -53.04 -15.97 -3.50
N GLU A 165 -54.23 -16.28 -3.00
CA GLU A 165 -55.00 -15.27 -2.27
C GLU A 165 -54.30 -14.87 -0.98
N VAL A 166 -53.80 -15.85 -0.23
CA VAL A 166 -53.16 -15.54 1.04
C VAL A 166 -51.82 -14.83 0.82
N ILE A 167 -51.09 -15.23 -0.22
CA ILE A 167 -49.82 -14.55 -0.51
C ILE A 167 -50.09 -13.14 -1.00
N ALA A 168 -51.17 -12.94 -1.76
CA ALA A 168 -51.53 -11.60 -2.20
C ALA A 168 -51.86 -10.71 -1.00
N TYR A 169 -52.64 -11.24 -0.07
CA TYR A 169 -52.96 -10.49 1.15
C TYR A 169 -51.71 -10.15 1.94
N ILE A 170 -50.79 -11.11 2.06
CA ILE A 170 -49.66 -10.87 2.94
C ILE A 170 -48.64 -9.94 2.30
N LEU A 171 -48.59 -9.88 0.97
CA LEU A 171 -47.67 -8.99 0.28
C LEU A 171 -48.27 -7.63 -0.03
N GLU A 172 -49.51 -7.36 0.39
CA GLU A 172 -50.06 -6.02 0.24
C GLU A 172 -49.37 -5.06 1.19
N ARG A 173 -48.92 -3.92 0.66
CA ARG A 173 -48.18 -2.96 1.46
C ARG A 173 -49.08 -2.13 2.37
N ASN A 174 -50.31 -1.87 1.95
CA ASN A 174 -51.21 -1.04 2.76
C ASN A 174 -51.51 -1.67 4.10
N ALA A 175 -51.75 -2.99 4.12
CA ALA A 175 -52.08 -3.66 5.36
C ALA A 175 -50.90 -3.66 6.34
N CYS A 176 -49.68 -3.86 5.81
CA CYS A 176 -48.45 -3.75 6.60
C CYS A 176 -48.45 -4.69 7.80
N LEU A 177 -48.75 -5.96 7.55
CA LEU A 177 -48.64 -6.96 8.60
C LEU A 177 -47.19 -7.13 9.03
N LEU A 178 -46.28 -7.14 8.08
CA LEU A 178 -44.85 -7.30 8.33
C LEU A 178 -44.10 -6.31 7.44
N PRO A 179 -42.87 -5.95 7.81
CA PRO A 179 -42.08 -5.10 6.93
C PRO A 179 -41.84 -5.78 5.58
N ALA A 180 -41.86 -4.98 4.51
CA ALA A 180 -41.65 -5.51 3.19
C ALA A 180 -40.25 -6.09 3.00
N TYR A 181 -39.29 -5.68 3.84
CA TYR A 181 -37.92 -6.18 3.70
C TYR A 181 -37.84 -7.66 4.05
N PHE A 182 -38.58 -8.10 5.08
CA PHE A 182 -38.69 -9.53 5.37
C PHE A 182 -39.26 -10.28 4.18
N ALA A 183 -40.35 -9.77 3.60
CA ALA A 183 -40.97 -10.47 2.48
C ALA A 183 -40.01 -10.59 1.30
N VAL A 184 -39.31 -9.51 0.97
CA VAL A 184 -38.42 -9.53 -0.18
C VAL A 184 -37.21 -10.42 0.07
N THR A 185 -36.68 -10.42 1.30
CA THR A 185 -35.51 -11.25 1.58
C THR A 185 -35.86 -12.73 1.61
N GLU A 186 -37.05 -13.07 2.11
CA GLU A 186 -37.49 -14.46 2.06
C GLU A 186 -37.72 -14.92 0.62
N ILE A 187 -38.38 -14.09 -0.18
CA ILE A 187 -38.65 -14.45 -1.57
C ILE A 187 -37.33 -14.60 -2.33
N ARG A 188 -36.37 -13.71 -2.09
CA ARG A 188 -35.09 -13.80 -2.79
C ARG A 188 -34.29 -14.99 -2.32
N LYS A 189 -34.36 -15.33 -1.03
CA LYS A 189 -33.65 -16.51 -0.54
C LYS A 189 -34.19 -17.78 -1.16
N LEU A 190 -35.52 -17.91 -1.26
CA LEU A 190 -36.10 -19.07 -1.92
C LEU A 190 -35.80 -19.08 -3.41
N TYR A 191 -35.94 -17.94 -4.07
CA TYR A 191 -35.70 -17.81 -5.51
C TYR A 191 -34.54 -16.86 -5.74
N PRO A 192 -33.33 -17.36 -5.99
CA PRO A 192 -32.20 -16.45 -6.24
C PRO A 192 -32.31 -15.75 -7.58
N GLU A 193 -31.31 -14.92 -7.90
CA GLU A 193 -31.36 -14.13 -9.13
C GLU A 193 -31.37 -15.02 -10.35
N GLY A 194 -32.26 -14.72 -11.29
CA GLY A 194 -32.35 -15.44 -12.54
C GLY A 194 -33.24 -16.65 -12.54
N LYS A 195 -33.84 -17.01 -11.40
CA LYS A 195 -34.70 -18.18 -11.30
C LYS A 195 -36.15 -17.77 -11.54
N LEU A 196 -36.77 -18.38 -12.53
CA LEU A 196 -38.17 -18.08 -12.83
C LEU A 196 -39.06 -18.59 -11.70
N PRO A 197 -39.99 -17.78 -11.20
CA PRO A 197 -40.80 -18.21 -10.05
C PRO A 197 -41.80 -19.30 -10.43
N HIS A 198 -42.41 -19.86 -9.39
CA HIS A 198 -43.43 -20.89 -9.58
C HIS A 198 -44.59 -20.32 -10.39
N TRP A 199 -45.12 -21.13 -11.31
CA TRP A 199 -46.07 -20.64 -12.29
C TRP A 199 -47.36 -20.13 -11.65
N LEU A 200 -47.70 -20.65 -10.46
CA LEU A 200 -48.92 -20.19 -9.80
C LEU A 200 -48.83 -18.72 -9.41
N LEU A 201 -47.67 -18.29 -8.90
CA LEU A 201 -47.53 -16.92 -8.43
C LEU A 201 -47.22 -15.97 -9.59
N GLY A 202 -46.06 -16.17 -10.23
CA GLY A 202 -45.71 -15.40 -11.41
C GLY A 202 -45.59 -13.90 -11.22
N ASN A 203 -46.56 -13.16 -11.77
CA ASN A 203 -46.46 -11.70 -11.81
C ASN A 203 -46.43 -11.09 -10.41
N LEU A 204 -47.13 -11.70 -9.45
CA LEU A 204 -47.16 -11.16 -8.10
C LEU A 204 -45.75 -11.11 -7.50
N VAL A 205 -45.05 -12.23 -7.53
CA VAL A 205 -43.68 -12.28 -7.01
C VAL A 205 -42.76 -11.41 -7.85
N SER A 206 -42.93 -11.46 -9.18
CA SER A 206 -42.05 -10.71 -10.07
C SER A 206 -42.12 -9.21 -9.77
N ASP A 207 -43.32 -8.65 -9.69
CA ASP A 207 -43.45 -7.22 -9.45
C ASP A 207 -43.10 -6.86 -8.01
N PHE A 208 -43.37 -7.74 -7.05
CA PHE A 208 -43.00 -7.44 -5.67
C PHE A 208 -41.49 -7.36 -5.51
N VAL A 209 -40.74 -8.24 -6.20
CA VAL A 209 -39.30 -8.08 -6.25
C VAL A 209 -38.93 -6.83 -7.05
N ASP A 210 -39.74 -6.51 -8.06
CA ASP A 210 -39.45 -5.38 -8.94
C ASP A 210 -39.65 -4.04 -8.22
N THR A 211 -40.33 -4.02 -7.08
CA THR A 211 -40.54 -2.75 -6.40
C THR A 211 -39.36 -2.34 -5.51
N PHE A 212 -38.33 -3.18 -5.41
CA PHE A 212 -37.17 -2.88 -4.57
C PHE A 212 -35.94 -2.41 -5.36
N ARG A 213 -36.04 -2.25 -6.68
CA ARG A 213 -34.89 -1.74 -7.42
C ARG A 213 -34.44 -0.36 -6.95
N PRO A 214 -35.33 0.59 -6.62
CA PRO A 214 -34.83 1.87 -6.08
C PRO A 214 -33.95 1.71 -4.86
N THR A 215 -34.29 0.80 -3.94
CA THR A 215 -33.43 0.56 -2.79
C THR A 215 -32.11 -0.08 -3.21
N ALA A 216 -32.17 -1.06 -4.11
CA ALA A 216 -30.95 -1.69 -4.60
C ALA A 216 -30.05 -0.69 -5.32
N ARG A 217 -30.65 0.31 -5.97
CA ARG A 217 -29.87 1.34 -6.64
C ARG A 217 -29.29 2.33 -5.63
N ILE A 218 -30.04 2.62 -4.56
CA ILE A 218 -29.52 3.50 -3.51
C ILE A 218 -28.28 2.88 -2.87
N ASN A 219 -28.30 1.57 -2.65
CA ASN A 219 -27.22 0.87 -1.96
C ASN A 219 -26.10 0.43 -2.90
N SER A 220 -25.95 1.08 -4.05
CA SER A 220 -24.94 0.70 -5.04
C SER A 220 -24.16 1.92 -5.49
N ILE A 221 -22.88 1.70 -5.79
CA ILE A 221 -21.98 2.74 -6.28
C ILE A 221 -22.11 2.84 -7.79
N CYS A 222 -22.04 4.06 -8.31
CA CYS A 222 -22.15 4.29 -9.75
C CYS A 222 -20.83 3.95 -10.43
N GLY A 223 -20.90 3.07 -11.43
CA GLY A 223 -19.71 2.69 -12.18
C GLY A 223 -18.65 2.00 -11.36
N ARG A 224 -19.05 1.10 -10.47
CA ARG A 224 -18.09 0.42 -9.60
C ARG A 224 -17.18 -0.52 -10.38
N CYS A 225 -17.71 -1.18 -11.42
CA CYS A 225 -16.93 -2.15 -12.16
C CYS A 225 -15.80 -1.53 -12.98
N SER A 226 -15.83 -0.22 -13.19
CA SER A 226 -14.82 0.46 -14.01
C SER A 226 -13.91 1.35 -13.18
N LEU A 227 -13.84 1.15 -11.87
CA LEU A 227 -12.93 1.87 -11.00
C LEU A 227 -11.74 0.97 -10.66
N LEU A 228 -10.53 1.47 -10.93
CA LEU A 228 -9.33 0.69 -10.72
C LEU A 228 -8.41 1.38 -9.72
N PRO A 229 -7.69 0.62 -8.90
CA PRO A 229 -6.81 1.24 -7.90
C PRO A 229 -5.40 1.49 -8.42
N VAL A 230 -4.53 2.01 -7.55
CA VAL A 230 -3.11 2.12 -7.82
C VAL A 230 -2.39 1.19 -6.86
N VAL A 231 -1.60 0.27 -7.41
CA VAL A 231 -0.98 -0.78 -6.62
C VAL A 231 0.29 -0.24 -5.97
N ASN A 232 0.33 -0.26 -4.64
CA ASN A 232 1.50 0.14 -3.88
C ASN A 232 1.88 -1.00 -2.95
N ASN A 233 3.16 -1.37 -2.97
CA ASN A 233 3.65 -2.47 -2.14
C ASN A 233 3.66 -2.09 -0.66
N ASN A 239 -8.91 -4.05 1.72
CA ASN A 239 -9.40 -2.69 1.85
C ASN A 239 -10.80 -2.54 1.24
N SER A 240 -10.92 -1.62 0.29
CA SER A 240 -12.17 -1.40 -0.41
C SER A 240 -12.28 -2.21 -1.70
N TRP A 241 -11.28 -3.02 -2.02
CA TRP A 241 -11.25 -3.79 -3.25
C TRP A 241 -11.37 -5.30 -3.02
N LYS A 242 -11.88 -5.70 -1.85
CA LYS A 242 -11.96 -7.12 -1.53
C LYS A 242 -12.92 -7.84 -2.48
N LEU A 243 -12.62 -9.11 -2.73
CA LEU A 243 -13.41 -9.92 -3.66
C LEU A 243 -13.66 -11.29 -3.05
N ASP A 244 -14.74 -11.91 -3.50
CA ASP A 244 -15.09 -13.26 -3.04
C ASP A 244 -14.16 -14.27 -3.68
N PRO A 245 -13.42 -15.08 -2.90
CA PRO A 245 -12.47 -16.02 -3.50
C PRO A 245 -13.11 -17.21 -4.19
N ALA A 246 -14.43 -17.31 -4.22
CA ALA A 246 -15.11 -18.43 -4.87
C ALA A 246 -15.56 -18.10 -6.28
N THR A 247 -16.10 -16.90 -6.51
CA THR A 247 -16.64 -16.54 -7.82
C THR A 247 -16.27 -15.12 -8.25
N LEU A 248 -15.31 -14.47 -7.60
CA LEU A 248 -14.83 -13.12 -7.97
C LEU A 248 -15.96 -12.10 -7.98
N ARG A 249 -16.90 -12.24 -7.06
CA ARG A 249 -18.04 -11.34 -6.96
C ARG A 249 -17.75 -10.26 -5.92
N PHE A 250 -18.30 -9.06 -6.16
CA PHE A 250 -18.26 -8.05 -5.10
C PHE A 250 -19.10 -8.54 -3.93
N PRO A 251 -18.60 -8.48 -2.71
CA PRO A 251 -19.44 -8.82 -1.56
C PRO A 251 -20.57 -7.81 -1.38
N LEU A 252 -21.80 -8.24 -1.65
CA LEU A 252 -22.97 -7.38 -1.57
C LEU A 252 -23.74 -7.66 -0.30
N LYS A 253 -24.20 -6.61 0.36
CA LYS A 253 -24.89 -6.72 1.64
C LYS A 253 -26.38 -6.91 1.41
N GLY A 254 -26.96 -7.91 2.08
CA GLY A 254 -28.38 -8.17 1.99
C GLY A 254 -28.76 -8.92 0.73
N LEU A 255 -30.03 -9.32 0.68
CA LEU A 255 -30.60 -10.01 -0.47
C LEU A 255 -31.56 -9.03 -1.15
N LEU A 256 -31.00 -8.19 -2.02
CA LEU A 256 -31.76 -7.21 -2.77
C LEU A 256 -31.52 -7.40 -4.26
N PRO A 257 -32.47 -7.02 -5.10
CA PRO A 257 -32.30 -7.18 -6.55
C PRO A 257 -31.37 -6.14 -7.16
N TYR A 258 -30.07 -6.38 -7.02
CA TYR A 258 -29.07 -5.47 -7.53
C TYR A 258 -29.04 -5.53 -9.06
N ASP A 259 -28.18 -4.71 -9.66
CA ASP A 259 -28.05 -4.71 -11.10
C ASP A 259 -27.36 -5.99 -11.58
N LYS A 260 -27.55 -6.31 -12.86
CA LYS A 260 -26.99 -7.53 -13.41
C LYS A 260 -25.47 -7.50 -13.44
N ASP A 261 -24.88 -6.34 -13.71
CA ASP A 261 -23.43 -6.24 -13.83
C ASP A 261 -22.71 -6.55 -12.52
N LEU A 262 -23.38 -6.41 -11.38
CA LEU A 262 -22.75 -6.67 -10.10
C LEU A 262 -22.69 -8.16 -9.75
N PHE A 263 -23.32 -9.02 -10.54
CA PHE A 263 -23.30 -10.45 -10.32
C PHE A 263 -22.31 -11.18 -11.24
N GLU A 264 -21.42 -10.44 -11.91
CA GLU A 264 -20.42 -11.06 -12.77
C GLU A 264 -19.04 -10.96 -12.14
N PRO A 265 -18.16 -11.94 -12.41
CA PRO A 265 -16.81 -11.89 -11.83
C PRO A 265 -16.03 -10.68 -12.32
N GLN A 266 -15.13 -10.20 -11.47
CA GLN A 266 -14.34 -9.01 -11.76
C GLN A 266 -12.99 -9.41 -12.36
N THR A 267 -13.08 -10.07 -13.51
CA THR A 267 -11.89 -10.52 -14.22
C THR A 267 -11.03 -9.34 -14.66
N ALA A 268 -11.66 -8.26 -15.10
CA ALA A 268 -10.90 -7.09 -15.55
C ALA A 268 -10.10 -6.49 -14.41
N LEU A 269 -10.73 -6.33 -13.24
CA LEU A 269 -10.02 -5.76 -12.09
C LEU A 269 -8.90 -6.68 -11.63
N LEU A 270 -9.16 -7.98 -11.54
CA LEU A 270 -8.12 -8.91 -11.11
C LEU A 270 -6.97 -8.95 -12.11
N ARG A 271 -7.29 -8.93 -13.40
CA ARG A 271 -6.24 -8.92 -14.42
C ARG A 271 -5.39 -7.65 -14.33
N TYR A 272 -6.03 -6.50 -14.15
CA TYR A 272 -5.29 -5.25 -14.04
C TYR A 272 -4.36 -5.28 -12.83
N VAL A 273 -4.84 -5.81 -11.71
CA VAL A 273 -3.99 -5.92 -10.53
C VAL A 273 -2.82 -6.86 -10.78
N LEU A 274 -3.09 -7.99 -11.44
CA LEU A 274 -2.04 -8.98 -11.67
C LEU A 274 -1.00 -8.51 -12.68
N GLU A 275 -1.38 -7.61 -13.60
CA GLU A 275 -0.44 -7.11 -14.58
C GLU A 275 0.61 -6.18 -13.98
N GLN A 276 0.45 -5.77 -12.73
CA GLN A 276 1.39 -4.79 -12.18
C GLN A 276 2.45 -5.47 -11.33
N PRO A 277 3.70 -4.98 -11.40
CA PRO A 277 4.75 -5.53 -10.53
C PRO A 277 4.50 -5.26 -9.06
N TYR A 278 5.03 -6.15 -8.23
CA TYR A 278 4.85 -6.15 -6.78
C TYR A 278 3.37 -6.07 -6.39
N SER A 279 2.54 -6.87 -7.06
CA SER A 279 1.13 -6.95 -6.73
C SER A 279 0.78 -8.22 -5.98
N ARG A 280 1.79 -8.97 -5.51
CA ARG A 280 1.55 -10.27 -4.91
C ARG A 280 0.81 -10.15 -3.58
N ASP A 281 1.30 -9.29 -2.69
CA ASP A 281 0.64 -9.11 -1.40
C ASP A 281 -0.74 -8.50 -1.57
N MET A 282 -0.88 -7.55 -2.50
CA MET A 282 -2.17 -6.91 -2.71
C MET A 282 -3.21 -7.91 -3.24
N VAL A 283 -2.82 -8.76 -4.19
CA VAL A 283 -3.78 -9.73 -4.73
C VAL A 283 -4.14 -10.78 -3.68
N CYS A 284 -3.17 -11.16 -2.84
CA CYS A 284 -3.46 -12.08 -1.75
C CYS A 284 -4.46 -11.46 -0.77
N ASN A 285 -4.25 -10.19 -0.41
CA ASN A 285 -5.17 -9.50 0.46
C ASN A 285 -6.54 -9.34 -0.20
N MET A 286 -6.56 -9.05 -1.51
CA MET A 286 -7.80 -8.88 -2.24
C MET A 286 -8.63 -10.15 -2.24
N LEU A 287 -7.99 -11.28 -2.56
CA LEU A 287 -8.70 -12.55 -2.65
C LEU A 287 -8.84 -13.24 -1.30
N GLY A 288 -8.32 -12.65 -0.23
CA GLY A 288 -8.44 -13.24 1.09
C GLY A 288 -7.72 -14.56 1.26
N LEU A 289 -6.49 -14.65 0.74
CA LEU A 289 -5.70 -15.86 0.84
C LEU A 289 -4.69 -15.70 1.98
N ASN A 290 -4.72 -16.65 2.91
CA ASN A 290 -3.81 -16.67 4.04
C ASN A 290 -2.83 -17.82 3.86
N LYS A 291 -1.54 -17.54 4.09
CA LYS A 291 -0.52 -18.56 3.92
C LYS A 291 -0.57 -19.56 5.06
N GLN A 292 -1.61 -20.39 5.08
CA GLN A 292 -1.78 -21.40 6.11
C GLN A 292 -2.11 -22.79 5.57
N HIS A 293 -2.62 -22.90 4.34
CA HIS A 293 -2.98 -24.20 3.78
C HIS A 293 -2.92 -24.11 2.27
N LYS A 294 -2.88 -25.28 1.63
CA LYS A 294 -2.87 -25.39 0.17
C LYS A 294 -4.27 -25.13 -0.34
N GLN A 295 -4.60 -23.85 -0.50
CA GLN A 295 -5.95 -23.48 -0.94
C GLN A 295 -6.22 -23.94 -2.36
N ARG A 296 -5.27 -23.73 -3.28
CA ARG A 296 -5.40 -24.14 -4.68
C ARG A 296 -6.64 -23.53 -5.33
N CYS A 297 -6.61 -22.21 -5.46
CA CYS A 297 -7.73 -21.49 -6.05
C CYS A 297 -7.82 -21.75 -7.56
N PRO A 298 -8.84 -22.48 -8.03
CA PRO A 298 -9.01 -22.63 -9.48
C PRO A 298 -9.24 -21.31 -10.20
N VAL A 299 -9.90 -20.36 -9.54
CA VAL A 299 -10.14 -19.06 -10.16
C VAL A 299 -8.81 -18.33 -10.37
N LEU A 300 -7.92 -18.38 -9.37
CA LEU A 300 -6.61 -17.76 -9.51
C LEU A 300 -5.80 -18.44 -10.62
N GLU A 301 -5.88 -19.77 -10.70
CA GLU A 301 -5.20 -20.49 -11.76
C GLU A 301 -5.73 -20.06 -13.13
N ASP A 302 -7.05 -19.96 -13.26
CA ASP A 302 -7.65 -19.57 -14.53
C ASP A 302 -7.25 -18.15 -14.91
N GLN A 303 -7.23 -17.23 -13.95
CA GLN A 303 -6.83 -15.86 -14.24
C GLN A 303 -5.37 -15.78 -14.67
N LEU A 304 -4.49 -16.54 -14.03
CA LEU A 304 -3.10 -16.57 -14.46
C LEU A 304 -2.96 -17.12 -15.87
N VAL A 305 -3.69 -18.18 -16.19
CA VAL A 305 -3.62 -18.77 -17.52
C VAL A 305 -4.13 -17.78 -18.56
N ASP A 306 -5.25 -17.10 -18.28
CA ASP A 306 -5.77 -16.12 -19.21
C ASP A 306 -4.81 -14.94 -19.38
N LEU A 307 -4.14 -14.54 -18.30
CA LEU A 307 -3.14 -13.49 -18.42
C LEU A 307 -2.00 -13.90 -19.33
N VAL A 308 -1.53 -15.15 -19.21
CA VAL A 308 -0.47 -15.64 -20.08
C VAL A 308 -0.94 -15.68 -21.53
N VAL A 309 -2.17 -16.15 -21.76
CA VAL A 309 -2.71 -16.17 -23.12
C VAL A 309 -2.82 -14.76 -23.67
N TYR A 310 -3.29 -13.82 -22.86
CA TYR A 310 -3.40 -12.43 -23.31
C TYR A 310 -2.04 -11.86 -23.68
N ALA A 311 -1.02 -12.14 -22.86
CA ALA A 311 0.33 -11.65 -23.16
C ALA A 311 0.85 -12.24 -24.46
N MET A 312 0.63 -13.54 -24.69
CA MET A 312 1.12 -14.15 -25.91
C MET A 312 0.39 -13.62 -27.13
N GLU A 313 -0.93 -13.40 -27.01
CA GLU A 313 -1.67 -12.80 -28.11
C GLU A 313 -1.17 -11.40 -28.43
N ARG A 314 -0.90 -10.61 -27.39
CA ARG A 314 -0.37 -9.27 -27.59
C ARG A 314 1.05 -9.29 -28.14
N SER A 315 1.78 -10.40 -27.97
CA SER A 315 3.14 -10.49 -28.50
C SER A 315 3.16 -10.40 -30.02
N GLU A 316 2.05 -10.70 -30.68
CA GLU A 316 1.96 -10.60 -32.14
C GLU A 316 2.03 -9.14 -32.58
N SER A 327 7.63 -6.92 -23.08
CA SER A 327 9.09 -6.86 -23.17
C SER A 327 9.73 -7.82 -22.17
N GLN A 328 11.05 -7.68 -21.99
CA GLN A 328 11.77 -8.55 -21.07
C GLN A 328 11.29 -8.38 -19.64
N LEU A 329 11.08 -7.12 -19.23
CA LEU A 329 10.57 -6.86 -17.90
C LEU A 329 9.17 -7.43 -17.73
N LEU A 330 8.34 -7.33 -18.77
CA LEU A 330 6.99 -7.86 -18.69
C LEU A 330 7.02 -9.38 -18.50
N TRP A 331 7.79 -10.07 -19.34
CA TRP A 331 7.88 -11.52 -19.23
C TRP A 331 8.51 -11.96 -17.92
N GLN A 332 9.49 -11.20 -17.42
CA GLN A 332 10.03 -11.49 -16.10
C GLN A 332 8.97 -11.34 -15.02
N HIS A 333 8.09 -10.35 -15.18
CA HIS A 333 7.00 -10.16 -14.22
C HIS A 333 6.04 -11.35 -14.23
N LEU A 334 5.65 -11.81 -15.41
CA LEU A 334 4.79 -13.00 -15.48
C LEU A 334 5.49 -14.22 -14.88
N SER A 335 6.75 -14.47 -15.27
CA SER A 335 7.46 -15.62 -14.74
C SER A 335 7.51 -15.56 -13.21
N SER A 336 7.75 -14.36 -12.66
CA SER A 336 7.79 -14.19 -11.21
C SER A 336 6.43 -14.47 -10.59
N GLN A 337 5.35 -13.99 -11.21
CA GLN A 337 4.01 -14.22 -10.67
C GLN A 337 3.66 -15.71 -10.65
N LEU A 338 3.90 -16.41 -11.75
CA LEU A 338 3.68 -17.86 -11.75
C LEU A 338 4.55 -18.56 -10.71
N ILE A 339 5.80 -18.12 -10.57
CA ILE A 339 6.68 -18.73 -9.56
C ILE A 339 6.07 -18.59 -8.17
N PHE A 340 5.68 -17.36 -7.81
CA PHE A 340 5.15 -17.11 -6.48
C PHE A 340 3.89 -17.92 -6.21
N PHE A 341 2.96 -17.92 -7.17
CA PHE A 341 1.66 -18.54 -6.92
C PHE A 341 1.75 -20.07 -6.94
N VAL A 342 2.65 -20.64 -7.73
CA VAL A 342 2.87 -22.08 -7.66
C VAL A 342 3.56 -22.47 -6.36
N LEU A 343 4.53 -21.65 -5.91
CA LEU A 343 5.25 -21.98 -4.68
C LEU A 343 4.33 -21.93 -3.46
N PHE A 344 3.52 -20.88 -3.33
CA PHE A 344 2.68 -20.76 -2.13
C PHE A 344 1.37 -21.51 -2.28
N GLN A 345 1.46 -22.77 -2.75
CA GLN A 345 0.37 -23.73 -2.81
C GLN A 345 -0.96 -23.13 -3.24
N PHE A 346 -0.93 -22.22 -4.21
CA PHE A 346 -2.15 -21.61 -4.73
C PHE A 346 -2.45 -22.02 -6.16
N ALA A 347 -1.59 -22.83 -6.78
CA ALA A 347 -1.81 -23.30 -8.13
C ALA A 347 -1.05 -24.60 -8.33
N SER A 348 -1.51 -25.38 -9.29
CA SER A 348 -0.85 -26.62 -9.67
C SER A 348 -0.27 -26.44 -11.07
N PHE A 349 1.06 -26.60 -11.18
CA PHE A 349 1.72 -26.39 -12.46
C PHE A 349 1.21 -27.31 -13.56
N PRO A 350 1.08 -28.63 -13.35
CA PRO A 350 0.50 -29.47 -14.42
C PRO A 350 -0.91 -29.07 -14.80
N HIS A 351 -1.73 -28.65 -13.82
CA HIS A 351 -3.09 -28.24 -14.14
C HIS A 351 -3.11 -26.97 -14.99
N MET A 352 -2.25 -25.99 -14.67
CA MET A 352 -2.17 -24.80 -15.49
C MET A 352 -1.65 -25.12 -16.89
N VAL A 353 -0.68 -26.03 -16.99
CA VAL A 353 -0.17 -26.42 -18.30
C VAL A 353 -1.26 -27.07 -19.13
N LEU A 354 -2.05 -27.97 -18.52
CA LEU A 354 -3.11 -28.63 -19.27
C LEU A 354 -4.21 -27.65 -19.67
N SER A 355 -4.59 -26.74 -18.78
CA SER A 355 -5.60 -25.75 -19.12
C SER A 355 -5.09 -24.82 -20.22
N LEU A 356 -3.81 -24.44 -20.15
CA LEU A 356 -3.23 -23.61 -21.20
C LEU A 356 -3.22 -24.36 -22.53
N HIS A 357 -2.92 -25.67 -22.50
CA HIS A 357 -2.97 -26.48 -23.72
C HIS A 357 -4.37 -26.50 -24.31
N GLN A 358 -5.38 -26.69 -23.47
CA GLN A 358 -6.77 -26.71 -23.96
C GLN A 358 -7.16 -25.35 -24.55
N LYS A 359 -6.77 -24.27 -23.88
CA LYS A 359 -7.12 -22.94 -24.37
C LYS A 359 -6.40 -22.61 -25.67
N LEU A 360 -5.18 -23.09 -25.85
CA LEU A 360 -4.42 -22.77 -27.05
C LEU A 360 -4.65 -23.75 -28.19
N ALA A 361 -5.33 -24.86 -27.94
CA ALA A 361 -5.62 -25.81 -29.01
C ALA A 361 -6.54 -25.16 -30.04
N GLY A 362 -6.16 -25.27 -31.31
CA GLY A 362 -6.96 -24.69 -32.38
C GLY A 362 -7.08 -23.19 -32.33
N ARG A 363 -5.99 -22.48 -32.00
CA ARG A 363 -6.01 -21.03 -31.99
C ARG A 363 -5.51 -20.42 -33.29
N GLY A 364 -4.52 -21.05 -33.93
CA GLY A 364 -4.00 -20.55 -35.19
C GLY A 364 -2.57 -20.06 -35.10
N LEU A 365 -2.35 -18.81 -35.49
CA LEU A 365 -1.00 -18.24 -35.46
C LEU A 365 -0.56 -18.03 -34.02
N ILE A 366 0.64 -18.51 -33.70
CA ILE A 366 1.20 -18.39 -32.36
C ILE A 366 2.68 -18.04 -32.52
N LYS A 367 3.03 -16.78 -32.24
CA LYS A 367 4.40 -16.30 -32.37
C LYS A 367 5.13 -16.17 -31.04
N GLY A 368 4.42 -16.30 -29.92
CA GLY A 368 5.01 -16.10 -28.61
C GLY A 368 5.42 -17.39 -27.94
N ARG A 369 5.63 -18.44 -28.74
CA ARG A 369 5.97 -19.75 -28.19
C ARG A 369 7.29 -19.73 -27.43
N ASP A 370 8.28 -19.00 -27.96
CA ASP A 370 9.58 -18.92 -27.28
C ASP A 370 9.46 -18.28 -25.90
N HIS A 371 8.69 -17.19 -25.81
CA HIS A 371 8.50 -16.53 -24.52
C HIS A 371 7.74 -17.42 -23.55
N LEU A 372 6.72 -18.14 -24.04
CA LEU A 372 5.96 -19.04 -23.18
C LEU A 372 6.84 -20.15 -22.64
N MET A 373 7.68 -20.74 -23.48
CA MET A 373 8.56 -21.81 -23.03
C MET A 373 9.65 -21.28 -22.11
N TRP A 374 10.10 -20.04 -22.32
CA TRP A 374 11.02 -19.42 -21.37
C TRP A 374 10.37 -19.27 -20.00
N VAL A 375 9.11 -18.83 -19.97
CA VAL A 375 8.39 -18.71 -18.70
C VAL A 375 8.26 -20.07 -18.03
N LEU A 376 7.94 -21.11 -18.81
CA LEU A 376 7.83 -22.46 -18.25
C LEU A 376 9.18 -22.94 -17.73
N LEU A 377 10.26 -22.65 -18.46
CA LEU A 377 11.59 -23.07 -18.02
C LEU A 377 11.98 -22.41 -16.71
N GLN A 378 11.55 -21.16 -16.49
CA GLN A 378 11.88 -20.46 -15.25
C GLN A 378 11.43 -21.22 -14.03
N PHE A 379 10.35 -22.00 -14.14
CA PHE A 379 9.89 -22.85 -13.05
C PHE A 379 10.42 -24.28 -13.16
N ILE A 380 10.54 -24.82 -14.37
CA ILE A 380 10.99 -26.20 -14.53
C ILE A 380 12.40 -26.37 -13.99
N SER A 381 13.30 -25.45 -14.36
CA SER A 381 14.68 -25.54 -13.89
C SER A 381 14.76 -25.43 -12.37
N GLY A 382 13.99 -24.52 -11.79
CA GLY A 382 14.05 -24.33 -10.35
C GLY A 382 13.49 -25.51 -9.55
N SER A 383 12.41 -26.11 -10.02
CA SER A 383 11.69 -27.11 -9.25
C SER A 383 11.96 -28.54 -9.67
N ILE A 384 12.77 -28.76 -10.71
CA ILE A 384 13.00 -30.12 -11.20
C ILE A 384 13.83 -30.95 -10.23
N GLN A 385 14.49 -30.31 -9.26
CA GLN A 385 15.40 -31.04 -8.38
C GLN A 385 14.65 -32.03 -7.50
N LYS A 386 13.51 -31.65 -6.93
CA LYS A 386 12.75 -32.55 -6.08
C LYS A 386 11.39 -32.95 -6.63
N ASN A 387 10.70 -32.07 -7.35
CA ASN A 387 9.35 -32.38 -7.80
C ASN A 387 9.36 -33.58 -8.75
N ALA A 388 8.30 -34.37 -8.68
CA ALA A 388 8.22 -35.60 -9.46
C ALA A 388 8.21 -35.30 -10.95
N LEU A 389 8.77 -36.23 -11.72
CA LEU A 389 8.83 -36.07 -13.17
C LEU A 389 7.44 -36.10 -13.81
N ALA A 390 6.46 -36.73 -13.17
CA ALA A 390 5.12 -36.81 -13.74
C ALA A 390 4.46 -35.44 -13.86
N ASP A 391 4.81 -34.51 -12.99
CA ASP A 391 4.18 -33.19 -13.01
C ASP A 391 4.54 -32.43 -14.30
N PHE A 392 5.77 -32.57 -14.77
CA PHE A 392 6.26 -31.81 -15.91
C PHE A 392 6.04 -32.51 -17.25
N LEU A 393 5.37 -33.66 -17.25
CA LEU A 393 5.13 -34.37 -18.52
C LEU A 393 4.32 -33.59 -19.54
N PRO A 394 3.20 -32.94 -19.19
CA PRO A 394 2.38 -32.31 -20.24
C PRO A 394 3.09 -31.24 -21.05
N VAL A 395 4.29 -30.80 -20.63
CA VAL A 395 5.06 -29.84 -21.41
C VAL A 395 5.40 -30.42 -22.77
N MET A 396 5.63 -31.74 -22.84
CA MET A 396 5.91 -32.37 -24.13
C MET A 396 4.71 -32.27 -25.08
N LYS A 397 3.50 -32.50 -24.56
CA LYS A 397 2.31 -32.34 -25.38
C LYS A 397 2.13 -30.89 -25.81
N LEU A 398 2.42 -29.95 -24.90
CA LEU A 398 2.35 -28.53 -25.26
C LEU A 398 3.35 -28.20 -26.35
N PHE A 399 4.56 -28.76 -26.27
CA PHE A 399 5.55 -28.57 -27.32
C PHE A 399 5.08 -29.16 -28.64
N ASP A 400 4.45 -30.33 -28.60
CA ASP A 400 3.93 -30.93 -29.83
C ASP A 400 2.87 -30.03 -30.47
N LEU A 401 2.08 -29.34 -29.65
CA LEU A 401 1.05 -28.46 -30.19
C LEU A 401 1.66 -27.20 -30.78
N LEU A 402 2.54 -26.52 -30.04
CA LEU A 402 3.02 -25.21 -30.43
C LEU A 402 4.24 -25.25 -31.35
N TYR A 403 4.84 -26.41 -31.57
CA TYR A 403 5.97 -26.55 -32.49
C TYR A 403 5.73 -27.67 -33.48
N PRO A 404 4.69 -27.56 -34.33
CA PRO A 404 4.60 -28.49 -35.47
C PRO A 404 5.42 -28.01 -36.66
N GLU A 405 6.64 -28.52 -36.81
CA GLU A 405 7.41 -28.21 -38.00
C GLU A 405 8.05 -29.45 -38.61
N LYS A 406 8.58 -30.35 -37.78
CA LYS A 406 9.17 -31.61 -38.19
C LYS A 406 10.27 -31.47 -39.25
N GLU A 407 10.76 -30.26 -39.53
CA GLU A 407 11.93 -30.27 -40.39
C GLU A 407 13.20 -30.17 -39.54
N TYR A 408 13.61 -28.95 -39.16
CA TYR A 408 14.81 -28.51 -38.42
C TYR A 408 14.75 -27.01 -38.11
N ILE A 409 15.00 -26.65 -36.85
CA ILE A 409 15.01 -25.26 -36.42
C ILE A 409 16.40 -24.67 -36.58
N PRO A 410 16.56 -23.55 -37.28
CA PRO A 410 17.90 -22.94 -37.39
C PRO A 410 18.39 -22.43 -36.04
N VAL A 411 19.71 -22.45 -35.88
CA VAL A 411 20.34 -21.97 -34.65
C VAL A 411 20.36 -20.45 -34.66
N PRO A 412 19.77 -19.79 -33.67
CA PRO A 412 19.78 -18.32 -33.64
C PRO A 412 21.16 -17.77 -33.34
N ASP A 413 21.35 -16.51 -33.70
CA ASP A 413 22.61 -15.85 -33.40
C ASP A 413 22.80 -15.72 -31.90
N ILE A 414 24.03 -15.99 -31.45
CA ILE A 414 24.34 -16.04 -30.02
C ILE A 414 24.85 -14.70 -29.54
N ASN A 415 24.66 -13.67 -30.36
CA ASN A 415 25.09 -12.31 -30.02
C ASN A 415 23.93 -11.43 -29.54
N LYS A 416 22.77 -12.02 -29.28
CA LYS A 416 21.60 -11.26 -28.84
C LYS A 416 21.00 -11.90 -27.60
N PRO A 417 20.37 -11.09 -26.74
CA PRO A 417 19.72 -11.66 -25.55
C PRO A 417 18.59 -12.63 -25.87
N GLN A 418 17.95 -12.50 -27.03
CA GLN A 418 16.88 -13.42 -27.42
C GLN A 418 17.36 -14.85 -27.64
N SER A 419 18.68 -15.07 -27.74
CA SER A 419 19.19 -16.41 -27.93
C SER A 419 18.80 -17.32 -26.77
N THR A 420 18.76 -16.78 -25.55
CA THR A 420 18.34 -17.57 -24.40
C THR A 420 16.89 -17.99 -24.54
N HIS A 421 16.02 -17.09 -25.01
CA HIS A 421 14.61 -17.43 -25.19
C HIS A 421 14.43 -18.47 -26.29
N ALA A 422 15.23 -18.39 -27.35
CA ALA A 422 15.09 -19.32 -28.47
C ALA A 422 15.53 -20.73 -28.12
N PHE A 423 16.32 -20.90 -27.06
CA PHE A 423 16.80 -22.22 -26.64
C PHE A 423 15.98 -22.80 -25.50
N ALA A 424 14.82 -22.20 -25.19
CA ALA A 424 14.07 -22.61 -24.00
C ALA A 424 13.61 -24.06 -24.09
N MET A 425 13.11 -24.48 -25.25
CA MET A 425 12.61 -25.85 -25.37
C MET A 425 13.74 -26.87 -25.29
N THR A 426 14.90 -26.55 -25.87
CA THR A 426 16.04 -27.45 -25.76
C THR A 426 16.50 -27.57 -24.32
N CYS A 427 16.52 -26.46 -23.57
CA CYS A 427 16.87 -26.52 -22.16
C CYS A 427 15.84 -27.32 -21.38
N ILE A 428 14.55 -27.16 -21.71
CA ILE A 428 13.51 -27.92 -21.02
C ILE A 428 13.70 -29.41 -21.25
N TRP A 429 13.97 -29.80 -22.50
CA TRP A 429 14.18 -31.23 -22.78
C TRP A 429 15.44 -31.75 -22.08
N ILE A 430 16.50 -30.95 -22.03
CA ILE A 430 17.72 -31.38 -21.35
C ILE A 430 17.45 -31.65 -19.88
N HIS A 431 16.71 -30.75 -19.22
CA HIS A 431 16.36 -30.95 -17.82
C HIS A 431 15.49 -32.19 -17.65
N LEU A 432 14.50 -32.38 -18.53
CA LEU A 432 13.65 -33.55 -18.45
C LEU A 432 14.43 -34.83 -18.66
N ASN A 433 15.35 -34.83 -19.63
CA ASN A 433 16.18 -36.01 -19.87
C ASN A 433 17.07 -36.32 -18.67
N ARG A 434 17.63 -35.28 -18.05
CA ARG A 434 18.47 -35.49 -16.88
C ARG A 434 17.67 -36.07 -15.73
N LYS A 435 16.45 -35.56 -15.51
CA LYS A 435 15.58 -36.09 -14.47
C LYS A 435 15.19 -37.53 -14.75
N ALA A 436 14.96 -37.86 -16.03
CA ALA A 436 14.67 -39.24 -16.38
C ALA A 436 15.90 -40.13 -16.20
N GLN A 437 17.10 -39.57 -16.37
CA GLN A 437 18.31 -40.37 -16.15
C GLN A 437 18.49 -40.72 -14.68
N ASN A 438 18.30 -39.75 -13.79
CA ASN A 438 18.07 -40.09 -12.40
C ASN A 438 16.79 -40.92 -12.28
N ASP A 439 16.68 -41.64 -11.15
CA ASP A 439 15.65 -42.64 -10.88
C ASP A 439 15.26 -43.33 -12.18
N ASN A 440 16.23 -44.01 -12.79
CA ASN A 440 16.17 -44.43 -14.18
C ASN A 440 15.11 -45.52 -14.37
N SER A 441 15.06 -46.04 -15.61
CA SER A 441 14.03 -46.97 -16.08
C SER A 441 12.69 -46.24 -16.20
N LYS A 442 11.60 -46.95 -15.94
CA LYS A 442 10.26 -46.41 -16.12
C LYS A 442 10.06 -45.96 -17.57
N LEU A 443 10.26 -44.67 -17.83
CA LEU A 443 10.08 -44.10 -19.15
C LEU A 443 11.25 -43.19 -19.49
N GLN A 444 11.71 -43.27 -20.74
CA GLN A 444 12.72 -42.38 -21.28
C GLN A 444 12.09 -41.34 -22.18
N ILE A 445 12.68 -40.15 -22.21
CA ILE A 445 12.19 -39.05 -23.04
C ILE A 445 13.11 -38.94 -24.26
N PRO A 446 12.66 -39.31 -25.45
CA PRO A 446 13.53 -39.25 -26.63
C PRO A 446 13.77 -37.81 -27.08
N ILE A 447 14.80 -37.67 -27.91
CA ILE A 447 15.16 -36.35 -28.44
C ILE A 447 14.09 -35.91 -29.44
N PRO A 448 13.51 -34.72 -29.30
CA PRO A 448 12.65 -34.20 -30.37
C PRO A 448 13.46 -34.04 -31.65
N HIS A 449 12.82 -34.38 -32.78
CA HIS A 449 13.55 -34.43 -34.04
C HIS A 449 13.97 -33.03 -34.49
N SER A 450 13.11 -32.03 -34.29
CA SER A 450 13.43 -30.68 -34.73
C SER A 450 14.61 -30.11 -33.95
N LEU A 451 14.67 -30.35 -32.65
CA LEU A 451 15.70 -29.76 -31.78
C LEU A 451 16.92 -30.68 -31.72
N ARG A 452 17.57 -30.82 -32.87
CA ARG A 452 18.84 -31.54 -32.98
C ARG A 452 20.02 -30.61 -33.20
N LEU A 453 19.86 -29.59 -34.03
CA LEU A 453 20.95 -28.62 -34.23
C LEU A 453 21.25 -27.86 -32.94
N HIS A 454 20.20 -27.51 -32.18
CA HIS A 454 20.40 -26.81 -30.92
C HIS A 454 21.17 -27.68 -29.93
N HIS A 455 20.81 -28.97 -29.84
CA HIS A 455 21.52 -29.87 -28.95
C HIS A 455 22.98 -30.05 -29.37
N GLU A 456 23.22 -30.18 -30.68
CA GLU A 456 24.58 -30.29 -31.17
C GLU A 456 25.38 -29.02 -30.87
N PHE A 457 24.75 -27.85 -31.04
CA PHE A 457 25.44 -26.60 -30.74
C PHE A 457 25.81 -26.51 -29.27
N LEU A 458 24.89 -26.91 -28.38
CA LEU A 458 25.19 -26.89 -26.95
C LEU A 458 26.31 -27.86 -26.61
N GLN A 459 26.29 -29.06 -27.21
CA GLN A 459 27.34 -30.04 -26.94
C GLN A 459 28.69 -29.55 -27.43
N GLN A 460 28.74 -28.95 -28.63
CA GLN A 460 29.99 -28.42 -29.15
C GLN A 460 30.51 -27.27 -28.28
N SER A 461 29.61 -26.40 -27.82
CA SER A 461 30.02 -25.31 -26.94
C SER A 461 30.59 -25.84 -25.63
N LEU A 462 29.98 -26.88 -25.07
CA LEU A 462 30.52 -27.49 -23.86
C LEU A 462 31.86 -28.14 -24.13
N ARG A 463 32.02 -28.77 -25.30
CA ARG A 463 33.26 -29.46 -25.62
C ARG A 463 34.44 -28.49 -25.69
N ASN A 464 34.23 -27.31 -26.28
CA ASN A 464 35.28 -26.32 -26.35
C ASN A 464 35.64 -25.83 -24.95
N LYS A 465 36.93 -25.82 -24.65
CA LYS A 465 37.43 -25.50 -23.32
C LYS A 465 37.89 -24.05 -23.19
N SER A 466 37.82 -23.27 -24.27
CA SER A 466 38.27 -21.87 -24.26
C SER A 466 37.12 -21.01 -24.78
N LEU A 467 36.26 -20.56 -23.87
CA LEU A 467 35.09 -19.77 -24.21
C LEU A 467 35.06 -18.51 -23.35
N GLN A 468 34.79 -17.37 -23.97
CA GLN A 468 34.86 -16.07 -23.34
C GLN A 468 33.45 -15.54 -23.06
N MET A 469 33.38 -14.31 -22.57
CA MET A 469 32.12 -13.67 -22.23
C MET A 469 31.66 -12.67 -23.28
N ASN A 470 32.26 -12.68 -24.47
CA ASN A 470 31.85 -11.75 -25.51
C ASN A 470 30.42 -12.03 -25.95
N ASP A 471 30.04 -13.30 -26.03
CA ASP A 471 28.71 -13.71 -26.48
C ASP A 471 27.98 -14.41 -25.33
N TYR A 472 26.81 -14.95 -25.65
CA TYR A 472 25.92 -15.57 -24.66
C TYR A 472 26.11 -17.07 -24.55
N LYS A 473 27.28 -17.59 -24.94
CA LYS A 473 27.54 -19.02 -24.78
C LYS A 473 27.56 -19.40 -23.30
N ILE A 474 28.13 -18.56 -22.44
CA ILE A 474 28.12 -18.82 -21.01
C ILE A 474 26.68 -18.90 -20.51
N ALA A 475 25.83 -17.93 -20.91
CA ALA A 475 24.45 -17.91 -20.43
C ALA A 475 23.69 -19.13 -20.92
N LEU A 476 23.86 -19.52 -22.18
CA LEU A 476 23.15 -20.67 -22.71
C LEU A 476 23.57 -21.96 -22.00
N LEU A 477 24.88 -22.13 -21.78
CA LEU A 477 25.36 -23.32 -21.08
C LEU A 477 24.88 -23.36 -19.63
N CYS A 478 24.89 -22.21 -18.95
CA CYS A 478 24.39 -22.16 -17.59
C CYS A 478 22.92 -22.51 -17.51
N ASN A 479 22.12 -21.98 -18.45
CA ASN A 479 20.70 -22.29 -18.46
C ASN A 479 20.44 -23.76 -18.76
N ALA A 480 21.17 -24.33 -19.72
CA ALA A 480 20.90 -25.69 -20.16
C ALA A 480 21.38 -26.73 -19.15
N TYR A 481 22.57 -26.53 -18.59
CA TYR A 481 23.22 -27.55 -17.77
C TYR A 481 23.26 -27.17 -16.29
N SER A 482 22.30 -26.37 -15.83
CA SER A 482 22.27 -25.98 -14.42
C SER A 482 22.02 -27.18 -13.52
N THR A 483 21.11 -28.06 -13.91
CA THR A 483 20.76 -29.19 -13.07
C THR A 483 21.93 -30.17 -12.92
N ASN A 484 22.60 -30.48 -14.02
CA ASN A 484 23.73 -31.39 -13.98
C ASN A 484 24.87 -30.77 -13.16
N SER A 485 25.67 -31.64 -12.54
CA SER A 485 26.77 -31.17 -11.70
C SER A 485 28.09 -31.10 -12.45
N GLU A 486 28.44 -32.17 -13.18
CA GLU A 486 29.73 -32.20 -13.87
C GLU A 486 29.78 -31.19 -15.02
N CYS A 487 28.69 -31.05 -15.77
CA CYS A 487 28.65 -30.17 -16.94
C CYS A 487 28.44 -28.71 -16.57
N PHE A 488 28.24 -28.42 -15.29
CA PHE A 488 27.94 -27.08 -14.80
C PHE A 488 29.15 -26.40 -14.19
N THR A 489 30.17 -27.17 -13.83
CA THR A 489 31.39 -26.59 -13.25
C THR A 489 32.10 -25.67 -14.22
N LEU A 490 32.23 -26.07 -15.48
CA LEU A 490 32.95 -25.24 -16.45
C LEU A 490 32.26 -23.90 -16.70
N PRO A 491 30.96 -23.83 -17.03
CA PRO A 491 30.34 -22.50 -17.20
C PRO A 491 30.34 -21.67 -15.93
N MET A 492 30.14 -22.29 -14.76
CA MET A 492 30.17 -21.53 -13.52
C MET A 492 31.54 -20.95 -13.25
N GLY A 493 32.59 -21.77 -13.38
CA GLY A 493 33.93 -21.24 -13.21
C GLY A 493 34.22 -20.10 -14.16
N ALA A 494 33.88 -20.28 -15.44
CA ALA A 494 34.11 -19.23 -16.43
C ALA A 494 33.32 -17.96 -16.11
N LEU A 495 32.21 -18.10 -15.39
CA LEU A 495 31.37 -16.94 -15.07
C LEU A 495 31.72 -16.30 -13.73
N VAL A 496 32.29 -17.06 -12.79
CA VAL A 496 32.49 -16.53 -11.44
C VAL A 496 33.95 -16.17 -11.16
N GLU A 497 34.90 -16.75 -11.88
CA GLU A 497 36.31 -16.41 -11.64
C GLU A 497 36.59 -14.93 -11.88
N THR A 498 35.88 -14.33 -12.83
CA THR A 498 36.14 -12.92 -13.15
C THR A 498 35.75 -12.00 -12.00
N ILE A 499 34.69 -12.34 -11.27
CA ILE A 499 34.29 -11.54 -10.12
C ILE A 499 34.96 -11.99 -8.82
N TYR A 500 35.40 -13.24 -8.74
CA TYR A 500 36.13 -13.69 -7.55
C TYR A 500 37.56 -13.15 -7.54
N GLY A 501 38.23 -13.14 -8.68
CA GLY A 501 39.59 -12.67 -8.77
C GLY A 501 40.59 -13.60 -8.10
N ALA A 516 42.40 -5.81 -1.09
CA ALA A 516 41.27 -5.90 -2.01
C ALA A 516 41.64 -6.71 -3.25
N SER A 517 40.68 -7.48 -3.75
CA SER A 517 40.91 -8.29 -4.94
C SER A 517 40.99 -7.40 -6.18
N GLY A 518 41.51 -7.98 -7.26
CA GLY A 518 41.74 -7.24 -8.49
C GLY A 518 40.54 -7.06 -9.39
N SER A 519 39.43 -7.74 -9.09
CA SER A 519 38.24 -7.63 -9.93
C SER A 519 37.52 -6.31 -9.64
N ILE A 520 37.21 -5.57 -10.70
CA ILE A 520 36.54 -4.28 -10.56
C ILE A 520 35.32 -4.23 -11.47
N THR A 521 35.22 -5.19 -12.41
CA THR A 521 34.13 -5.21 -13.37
C THR A 521 33.11 -6.25 -12.96
N PRO A 522 31.90 -5.85 -12.56
CA PRO A 522 30.88 -6.83 -12.16
C PRO A 522 30.20 -7.45 -13.38
N LEU A 523 29.30 -8.40 -13.10
CA LEU A 523 28.57 -9.05 -14.17
C LEU A 523 27.57 -8.08 -14.80
N PRO A 524 27.46 -8.06 -16.13
CA PRO A 524 26.54 -7.12 -16.77
C PRO A 524 25.09 -7.42 -16.42
N MET A 525 24.28 -6.35 -16.36
CA MET A 525 22.88 -6.50 -16.02
C MET A 525 22.13 -7.28 -17.09
N ASN A 526 22.46 -7.04 -18.36
CA ASN A 526 21.82 -7.78 -19.45
C ASN A 526 22.18 -9.26 -19.38
N LEU A 527 23.43 -9.58 -19.04
CA LEU A 527 23.80 -10.98 -18.85
C LEU A 527 23.04 -11.60 -17.70
N LEU A 528 22.86 -10.86 -16.60
CA LEU A 528 22.11 -11.37 -15.47
C LEU A 528 20.66 -11.65 -15.84
N ASP A 529 20.05 -10.76 -16.64
CA ASP A 529 18.67 -10.97 -17.06
C ASP A 529 18.54 -12.19 -17.98
N SER A 530 19.61 -12.54 -18.70
CA SER A 530 19.56 -13.69 -19.60
C SER A 530 19.57 -15.01 -18.85
N LEU A 531 20.11 -15.04 -17.62
CA LEU A 531 20.20 -16.28 -16.87
C LEU A 531 18.82 -16.72 -16.39
N THR A 532 18.74 -17.96 -15.92
CA THR A 532 17.53 -18.50 -15.34
C THR A 532 17.57 -18.39 -13.82
N VAL A 533 16.43 -18.70 -13.20
CA VAL A 533 16.31 -18.58 -11.75
C VAL A 533 17.26 -19.55 -11.05
N HIS A 534 17.39 -20.76 -11.59
CA HIS A 534 18.29 -21.75 -10.99
C HIS A 534 19.74 -21.27 -11.05
N ALA A 535 20.15 -20.68 -12.19
CA ALA A 535 21.50 -20.15 -12.30
C ALA A 535 21.72 -19.00 -11.33
N LYS A 536 20.71 -18.13 -11.18
CA LYS A 536 20.84 -17.02 -10.22
C LYS A 536 20.99 -17.52 -8.80
N MET A 537 20.20 -18.55 -8.43
CA MET A 537 20.34 -19.12 -7.08
C MET A 537 21.70 -19.76 -6.87
N SER A 538 22.21 -20.47 -7.89
CA SER A 538 23.55 -21.03 -7.77
C SER A 538 24.59 -19.96 -7.57
N LEU A 539 24.47 -18.86 -8.30
CA LEU A 539 25.42 -17.75 -8.17
C LEU A 539 25.37 -17.14 -6.77
N ILE A 540 24.17 -16.89 -6.26
CA ILE A 540 24.03 -16.28 -4.94
C ILE A 540 24.48 -17.24 -3.85
N HIS A 541 24.18 -18.53 -3.99
CA HIS A 541 24.64 -19.50 -3.01
C HIS A 541 26.16 -19.53 -2.95
N SER A 542 26.81 -19.49 -4.11
CA SER A 542 28.28 -19.47 -4.14
C SER A 542 28.82 -18.21 -3.47
N ILE A 543 28.23 -17.06 -3.78
CA ILE A 543 28.72 -15.79 -3.21
C ILE A 543 28.52 -15.78 -1.71
N ALA A 544 27.33 -16.20 -1.24
CA ALA A 544 27.06 -16.19 0.19
C ALA A 544 27.96 -17.16 0.94
N THR A 545 28.19 -18.35 0.36
CA THR A 545 29.08 -19.32 1.00
C THR A 545 30.51 -18.78 1.09
N ARG A 546 30.97 -18.13 0.03
CA ARG A 546 32.32 -17.53 0.06
C ARG A 546 32.41 -16.44 1.10
N VAL A 547 31.37 -15.59 1.21
CA VAL A 547 31.38 -14.52 2.21
C VAL A 547 31.42 -15.10 3.62
N ILE A 548 30.60 -16.12 3.87
CA ILE A 548 30.57 -16.74 5.20
C ILE A 548 31.91 -17.38 5.52
N LYS A 549 32.50 -18.08 4.55
CA LYS A 549 33.80 -18.71 4.77
C LYS A 549 34.88 -17.68 5.06
N LEU A 550 34.88 -16.57 4.32
CA LEU A 550 35.89 -15.54 4.57
C LEU A 550 35.70 -14.91 5.94
N ALA A 551 34.44 -14.69 6.34
CA ALA A 551 34.17 -14.12 7.66
C ALA A 551 34.63 -15.07 8.76
N HIS A 552 34.39 -16.37 8.59
CA HIS A 552 34.82 -17.34 9.61
C HIS A 552 36.34 -17.49 9.63
N ALA A 553 37.00 -17.28 8.50
CA ALA A 553 38.46 -17.42 8.45
C ALA A 553 39.19 -16.32 9.20
N LYS A 554 38.49 -15.24 9.58
CA LYS A 554 39.10 -14.11 10.28
C LYS A 554 40.28 -13.56 9.47
N SER A 555 40.10 -13.48 8.16
CA SER A 555 41.09 -12.90 7.27
C SER A 555 40.82 -11.42 7.09
N SER A 556 41.89 -10.65 6.92
CA SER A 556 41.79 -9.20 6.76
C SER A 556 41.64 -8.77 5.31
N VAL A 557 41.58 -9.71 4.37
CA VAL A 557 41.44 -9.35 2.97
C VAL A 557 40.03 -8.85 2.70
N ALA A 558 39.94 -7.72 2.01
CA ALA A 558 38.64 -7.15 1.68
C ALA A 558 37.99 -7.96 0.56
N LEU A 559 36.66 -7.87 0.50
CA LEU A 559 35.91 -8.55 -0.54
C LEU A 559 36.18 -7.92 -1.90
N ALA A 560 35.90 -8.68 -2.95
CA ALA A 560 36.06 -8.18 -4.30
C ALA A 560 35.00 -7.12 -4.57
N PRO A 561 35.38 -5.94 -5.07
CA PRO A 561 34.36 -4.94 -5.45
C PRO A 561 33.38 -5.47 -6.48
N ALA A 562 33.86 -6.27 -7.43
CA ALA A 562 32.96 -6.90 -8.39
C ALA A 562 32.00 -7.87 -7.69
N LEU A 563 32.49 -8.60 -6.69
CA LEU A 563 31.62 -9.50 -5.93
C LEU A 563 30.53 -8.74 -5.21
N VAL A 564 30.88 -7.62 -4.57
CA VAL A 564 29.90 -6.83 -3.85
C VAL A 564 28.86 -6.26 -4.80
N GLU A 565 29.32 -5.71 -5.93
CA GLU A 565 28.39 -5.15 -6.91
C GLU A 565 27.48 -6.22 -7.50
N THR A 566 28.05 -7.39 -7.81
CA THR A 566 27.24 -8.48 -8.37
C THR A 566 26.23 -8.98 -7.35
N TYR A 567 26.62 -9.06 -6.08
CA TYR A 567 25.66 -9.44 -5.04
C TYR A 567 24.52 -8.43 -4.96
N SER A 568 24.85 -7.14 -4.97
CA SER A 568 23.82 -6.10 -4.91
C SER A 568 22.87 -6.20 -6.10
N ARG A 569 23.41 -6.46 -7.29
CA ARG A 569 22.56 -6.60 -8.47
C ARG A 569 21.68 -7.85 -8.38
N LEU A 570 22.24 -8.96 -7.90
CA LEU A 570 21.48 -10.20 -7.80
C LEU A 570 20.41 -10.15 -6.73
N LEU A 571 20.54 -9.27 -5.74
CA LEU A 571 19.58 -9.22 -4.65
C LEU A 571 18.33 -8.43 -5.00
N VAL A 572 18.11 -8.17 -6.29
CA VAL A 572 16.93 -7.42 -6.73
C VAL A 572 15.77 -8.35 -7.05
N TYR A 573 16.06 -9.51 -7.63
CA TYR A 573 15.01 -10.43 -8.05
C TYR A 573 14.25 -10.96 -6.85
N MET A 574 12.92 -10.91 -6.91
CA MET A 574 12.08 -11.28 -5.78
C MET A 574 11.67 -12.75 -5.79
N GLU A 575 11.88 -13.47 -6.89
CA GLU A 575 11.56 -14.89 -6.94
C GLU A 575 12.54 -15.75 -6.18
N ILE A 576 13.63 -15.16 -5.69
CA ILE A 576 14.69 -15.86 -4.98
C ILE A 576 14.74 -15.36 -3.54
N GLU A 577 13.57 -14.98 -3.02
CA GLU A 577 13.46 -14.38 -1.70
C GLU A 577 14.05 -15.27 -0.61
N SER A 578 13.94 -16.60 -0.76
CA SER A 578 14.48 -17.50 0.25
C SER A 578 15.98 -17.34 0.40
N LEU A 579 16.69 -17.05 -0.69
CA LEU A 579 18.13 -16.85 -0.65
C LEU A 579 18.55 -15.41 -0.85
N GLY A 580 17.72 -14.56 -1.45
CA GLY A 580 18.13 -13.21 -1.75
C GLY A 580 18.20 -12.27 -0.58
N ILE A 581 17.06 -11.88 -0.02
CA ILE A 581 17.00 -10.85 1.01
C ILE A 581 16.64 -11.44 2.36
N LYS A 582 15.77 -12.46 2.39
CA LYS A 582 15.47 -13.13 3.66
C LYS A 582 16.72 -13.79 4.22
N GLY A 583 17.49 -14.46 3.36
CA GLY A 583 18.75 -15.04 3.82
C GLY A 583 19.83 -14.00 4.08
N PHE A 584 19.74 -12.84 3.41
CA PHE A 584 20.72 -11.80 3.64
C PHE A 584 20.54 -11.15 5.01
N ILE A 585 19.29 -10.93 5.42
CA ILE A 585 19.02 -10.26 6.69
C ILE A 585 18.96 -11.26 7.85
N SER A 586 18.30 -12.40 7.64
CA SER A 586 18.04 -13.31 8.75
C SER A 586 19.27 -14.12 9.17
N GLN A 587 20.13 -14.49 8.22
CA GLN A 587 21.23 -15.40 8.52
C GLN A 587 22.60 -14.81 8.25
N LEU A 588 22.81 -14.21 7.08
CA LEU A 588 24.14 -13.73 6.71
C LEU A 588 24.63 -12.64 7.66
N LEU A 589 23.80 -11.62 7.89
CA LEU A 589 24.19 -10.54 8.78
C LEU A 589 24.38 -11.00 10.22
N PRO A 590 23.50 -11.79 10.82
CA PRO A 590 23.81 -12.32 12.17
C PRO A 590 25.08 -13.15 12.22
N THR A 591 25.37 -13.93 11.18
CA THR A 591 26.60 -14.72 11.15
C THR A 591 27.82 -13.82 11.12
N VAL A 592 27.80 -12.78 10.29
CA VAL A 592 28.91 -11.84 10.23
C VAL A 592 29.05 -11.10 11.56
N PHE A 593 27.93 -10.76 12.18
CA PHE A 593 27.95 -10.14 13.50
C PHE A 593 28.63 -11.05 14.53
N LYS A 594 28.26 -12.33 14.53
CA LYS A 594 28.82 -13.26 15.51
C LYS A 594 30.28 -13.55 15.24
N SER A 595 30.73 -13.43 13.99
CA SER A 595 32.09 -13.76 13.63
C SER A 595 33.09 -12.65 13.94
N HIS A 596 32.62 -11.49 14.39
CA HIS A 596 33.49 -10.35 14.72
C HIS A 596 34.37 -9.94 13.54
N ALA A 597 33.75 -9.81 12.37
CA ALA A 597 34.48 -9.42 11.17
C ALA A 597 34.73 -7.91 11.15
N TRP A 598 33.65 -7.13 11.20
CA TRP A 598 33.67 -5.67 11.22
C TRP A 598 34.13 -5.08 9.89
N GLY A 599 34.59 -5.92 8.97
CA GLY A 599 34.88 -5.46 7.63
C GLY A 599 33.81 -5.93 6.67
N ILE A 600 33.44 -7.20 6.78
CA ILE A 600 32.33 -7.74 5.99
C ILE A 600 31.03 -7.07 6.40
N LEU A 601 30.83 -6.87 7.70
CA LEU A 601 29.64 -6.18 8.18
C LEU A 601 29.56 -4.75 7.64
N HIS A 602 30.68 -4.04 7.64
CA HIS A 602 30.70 -2.68 7.13
C HIS A 602 30.38 -2.65 5.63
N THR A 603 30.98 -3.57 4.87
CA THR A 603 30.70 -3.63 3.44
C THR A 603 29.24 -3.96 3.16
N LEU A 604 28.68 -4.90 3.92
CA LEU A 604 27.27 -5.25 3.72
C LEU A 604 26.34 -4.10 4.06
N LEU A 605 26.63 -3.38 5.15
CA LEU A 605 25.81 -2.24 5.52
C LEU A 605 25.89 -1.13 4.48
N GLU A 606 27.11 -0.86 3.98
CA GLU A 606 27.27 0.15 2.93
C GLU A 606 26.55 -0.28 1.66
N MET A 607 26.62 -1.55 1.31
CA MET A 607 25.91 -2.06 0.13
C MET A 607 24.41 -1.88 0.29
N PHE A 608 23.86 -2.21 1.46
CA PHE A 608 22.43 -1.99 1.70
C PHE A 608 22.07 -0.53 1.57
N SER A 609 22.88 0.36 2.14
CA SER A 609 22.55 1.78 2.16
C SER A 609 22.55 2.37 0.76
N TYR A 610 23.51 1.99 -0.08
CA TYR A 610 23.77 2.70 -1.32
C TYR A 610 23.38 1.94 -2.58
N ARG A 611 22.89 0.70 -2.48
CA ARG A 611 22.56 -0.06 -3.67
C ARG A 611 21.20 -0.74 -3.65
N MET A 612 20.59 -0.96 -2.49
N MET A 612 20.61 -0.99 -2.48
CA MET A 612 19.28 -1.59 -2.43
CA MET A 612 19.33 -1.69 -2.35
C MET A 612 18.19 -0.56 -2.65
C MET A 612 18.41 -0.80 -1.52
N HIS A 613 17.24 -0.87 -3.53
N HIS A 613 17.67 0.08 -2.19
CA HIS A 613 16.19 0.06 -3.92
CA HIS A 613 16.77 1.01 -1.54
C HIS A 613 14.82 -0.36 -3.40
C HIS A 613 15.31 0.61 -1.63
N HIS A 614 14.37 -1.56 -3.75
N HIS A 614 15.01 -0.53 -2.27
CA HIS A 614 13.05 -2.05 -3.36
CA HIS A 614 13.64 -0.91 -2.61
C HIS A 614 13.22 -3.13 -2.30
C HIS A 614 13.40 -2.34 -2.13
N ILE A 615 12.90 -2.77 -1.05
N ILE A 615 13.00 -2.49 -0.88
CA ILE A 615 12.94 -3.70 0.07
CA ILE A 615 12.82 -3.79 -0.23
C ILE A 615 11.59 -3.68 0.75
C ILE A 615 11.56 -3.70 0.65
N GLN A 616 11.06 -4.86 1.06
CA GLN A 616 9.80 -4.93 1.79
C GLN A 616 9.91 -4.22 3.14
N PRO A 617 8.85 -3.54 3.58
CA PRO A 617 8.95 -2.72 4.80
C PRO A 617 9.32 -3.50 6.04
N HIS A 618 8.82 -4.73 6.19
CA HIS A 618 9.15 -5.53 7.36
C HIS A 618 10.63 -5.90 7.38
N TYR A 619 11.21 -6.18 6.20
CA TYR A 619 12.64 -6.39 6.14
C TYR A 619 13.41 -5.13 6.54
N ARG A 620 12.95 -3.96 6.09
CA ARG A 620 13.61 -2.72 6.45
C ARG A 620 13.56 -2.47 7.95
N VAL A 621 12.40 -2.69 8.56
CA VAL A 621 12.27 -2.46 9.99
C VAL A 621 13.07 -3.48 10.78
N GLN A 622 13.12 -4.72 10.31
CA GLN A 622 13.94 -5.73 10.96
C GLN A 622 15.42 -5.34 10.95
N LEU A 623 15.90 -4.83 9.82
CA LEU A 623 17.29 -4.37 9.75
C LEU A 623 17.50 -3.14 10.60
N LEU A 624 16.49 -2.27 10.72
CA LEU A 624 16.60 -1.14 11.62
C LEU A 624 16.78 -1.59 13.06
N SER A 625 16.02 -2.61 13.47
CA SER A 625 16.18 -3.17 14.81
C SER A 625 17.57 -3.77 15.01
N HIS A 626 18.06 -4.48 13.98
CA HIS A 626 19.41 -5.04 14.07
CA HIS A 626 19.41 -5.04 14.07
C HIS A 626 20.45 -3.95 14.18
N LEU A 627 20.27 -2.85 13.43
CA LEU A 627 21.20 -1.73 13.51
C LEU A 627 21.20 -1.11 14.91
N HIS A 628 20.02 -0.96 15.50
CA HIS A 628 19.93 -0.35 16.83
C HIS A 628 20.61 -1.21 17.89
N THR A 629 20.37 -2.52 17.86
CA THR A 629 21.02 -3.38 18.85
C THR A 629 22.52 -3.47 18.60
N LEU A 630 22.94 -3.43 17.33
CA LEU A 630 24.37 -3.44 17.03
C LEU A 630 25.05 -2.17 17.56
N ALA A 631 24.41 -1.02 17.39
CA ALA A 631 24.97 0.22 17.92
C ALA A 631 25.00 0.20 19.44
N ALA A 632 24.00 -0.41 20.07
CA ALA A 632 23.93 -0.43 21.53
C ALA A 632 25.00 -1.33 22.14
N VAL A 633 25.20 -2.52 21.57
CA VAL A 633 26.02 -3.54 22.21
C VAL A 633 27.20 -3.95 21.32
N ALA A 634 27.97 -4.94 21.78
CA ALA A 634 29.09 -5.58 21.11
C ALA A 634 30.36 -4.73 21.14
N GLN A 635 30.38 -3.65 21.93
CA GLN A 635 31.57 -2.81 22.08
C GLN A 635 32.09 -2.32 20.73
N THR A 636 31.17 -1.90 19.87
CA THR A 636 31.52 -1.31 18.58
C THR A 636 31.93 0.16 18.78
N ASN A 637 32.99 0.35 19.54
CA ASN A 637 33.49 1.67 19.90
C ASN A 637 34.51 2.18 18.88
N GLN A 638 34.14 2.17 17.61
CA GLN A 638 35.00 2.63 16.53
C GLN A 638 34.30 3.71 15.73
N ASN A 639 35.06 4.73 15.35
CA ASN A 639 34.52 5.88 14.63
C ASN A 639 33.78 5.45 13.37
N GLN A 640 34.44 4.64 12.53
CA GLN A 640 33.91 4.32 11.22
C GLN A 640 32.65 3.47 11.32
N LEU A 641 32.67 2.42 12.14
CA LEU A 641 31.50 1.56 12.30
C LEU A 641 30.33 2.31 12.90
N HIS A 642 30.60 3.15 13.91
CA HIS A 642 29.52 3.94 14.51
C HIS A 642 28.93 4.90 13.50
N LEU A 643 29.76 5.55 12.70
CA LEU A 643 29.27 6.45 11.66
C LEU A 643 28.41 5.71 10.65
N CYS A 644 28.86 4.52 10.22
CA CYS A 644 28.09 3.75 9.24
C CYS A 644 26.73 3.35 9.79
N VAL A 645 26.69 2.90 11.05
CA VAL A 645 25.43 2.49 11.65
C VAL A 645 24.49 3.68 11.78
N GLU A 646 25.01 4.83 12.24
CA GLU A 646 24.17 6.01 12.40
C GLU A 646 23.60 6.46 11.06
N SER A 647 24.44 6.54 10.03
CA SER A 647 23.97 7.00 8.72
C SER A 647 22.96 6.02 8.13
N THR A 648 23.23 4.72 8.24
CA THR A 648 22.30 3.74 7.72
C THR A 648 20.95 3.83 8.42
N ALA A 649 20.96 3.90 9.76
CA ALA A 649 19.72 3.99 10.50
C ALA A 649 18.93 5.25 10.14
N LEU A 650 19.63 6.38 9.97
CA LEU A 650 18.95 7.61 9.59
C LEU A 650 18.31 7.48 8.21
N ARG A 651 19.00 6.86 7.26
CA ARG A 651 18.44 6.71 5.91
C ARG A 651 17.20 5.82 5.91
N LEU A 652 17.25 4.68 6.61
CA LEU A 652 16.07 3.82 6.70
C LEU A 652 14.91 4.52 7.40
N ILE A 653 15.18 5.27 8.47
CA ILE A 653 14.09 5.97 9.16
C ILE A 653 13.45 7.01 8.25
N THR A 654 14.27 7.78 7.53
CA THR A 654 13.74 8.85 6.69
C THR A 654 13.05 8.30 5.45
N ALA A 655 13.46 7.13 4.96
CA ALA A 655 12.95 6.59 3.71
C ALA A 655 11.65 5.81 3.86
N LEU A 656 11.09 5.73 5.06
CA LEU A 656 9.85 4.99 5.27
C LEU A 656 8.70 5.64 4.52
N GLY A 657 7.78 4.80 4.03
CA GLY A 657 6.61 5.30 3.36
C GLY A 657 5.55 5.79 4.33
N SER A 658 4.66 6.65 3.82
CA SER A 658 3.60 7.21 4.65
C SER A 658 2.59 6.14 5.07
N SER A 659 2.21 5.27 4.15
CA SER A 659 1.19 4.25 4.40
C SER A 659 1.76 2.99 5.04
N GLU A 660 3.07 2.95 5.29
CA GLU A 660 3.73 1.77 5.82
C GLU A 660 4.07 1.89 7.30
N VAL A 661 4.10 3.11 7.84
CA VAL A 661 4.58 3.32 9.20
C VAL A 661 3.65 2.62 10.20
N GLN A 662 2.34 2.84 10.06
CA GLN A 662 1.40 2.23 11.01
C GLN A 662 1.42 0.71 10.97
N PRO A 663 1.29 0.03 9.81
CA PRO A 663 1.36 -1.44 9.83
C PRO A 663 2.70 -1.98 10.29
N GLN A 664 3.80 -1.27 10.02
CA GLN A 664 5.11 -1.79 10.40
C GLN A 664 5.39 -1.61 11.89
N PHE A 665 4.98 -0.48 12.46
CA PHE A 665 5.24 -0.20 13.86
C PHE A 665 4.15 -0.72 14.79
N THR A 666 3.01 -1.19 14.26
CA THR A 666 2.02 -1.81 15.11
C THR A 666 2.40 -3.23 15.50
N ARG A 667 3.36 -3.84 14.81
CA ARG A 667 3.84 -5.15 15.19
C ARG A 667 4.76 -5.09 16.40
N PHE A 668 5.50 -3.99 16.56
CA PHE A 668 6.39 -3.78 17.69
C PHE A 668 5.71 -3.04 18.84
N LEU A 669 4.38 -3.12 18.93
CA LEU A 669 3.66 -2.44 20.00
C LEU A 669 4.04 -2.98 21.37
N SER A 670 4.38 -4.27 21.45
CA SER A 670 4.72 -4.88 22.74
C SER A 670 6.05 -4.37 23.26
N ASP A 671 7.07 -4.34 22.40
CA ASP A 671 8.43 -3.97 22.80
C ASP A 671 8.95 -2.90 21.84
N PRO A 672 8.58 -1.64 22.05
CA PRO A 672 9.10 -0.57 21.19
C PRO A 672 10.61 -0.40 21.26
N LYS A 673 11.24 -0.80 22.37
CA LYS A 673 12.68 -0.62 22.51
C LYS A 673 13.47 -1.34 21.42
N THR A 674 12.88 -2.38 20.81
CA THR A 674 13.55 -3.07 19.72
C THR A 674 13.76 -2.15 18.52
N VAL A 675 12.77 -1.33 18.18
CA VAL A 675 12.87 -0.40 17.07
C VAL A 675 13.30 0.99 17.50
N LEU A 676 13.48 1.23 18.78
CA LEU A 676 13.91 2.53 19.27
C LEU A 676 15.40 2.50 19.60
N SER A 677 15.89 3.60 20.16
CA SER A 677 17.31 3.78 20.44
C SER A 677 17.49 4.33 21.84
N ALA A 678 18.67 4.08 22.41
CA ALA A 678 18.97 4.44 23.79
C ALA A 678 19.70 5.76 23.93
N GLU A 679 20.51 6.16 22.93
CA GLU A 679 21.32 7.36 23.04
C GLU A 679 21.24 8.30 21.84
N SER A 680 20.71 7.85 20.71
CA SER A 680 20.69 8.66 19.49
C SER A 680 19.45 9.54 19.50
N GLU A 681 19.58 10.71 20.14
CA GLU A 681 18.48 11.68 20.16
C GLU A 681 18.13 12.13 18.75
N GLU A 682 19.14 12.25 17.88
CA GLU A 682 18.88 12.64 16.49
C GLU A 682 18.02 11.61 15.77
N LEU A 683 18.32 10.32 15.96
CA LEU A 683 17.52 9.27 15.33
C LEU A 683 16.10 9.26 15.86
N ASN A 684 15.94 9.43 17.18
CA ASN A 684 14.59 9.46 17.76
C ASN A 684 13.79 10.65 17.24
N ARG A 685 14.43 11.82 17.13
CA ARG A 685 13.74 12.99 16.60
C ARG A 685 13.38 12.82 15.14
N ALA A 686 14.27 12.18 14.37
CA ALA A 686 13.96 11.88 12.97
C ALA A 686 12.76 10.94 12.87
N LEU A 687 12.69 9.94 13.76
CA LEU A 687 11.53 9.05 13.78
C LEU A 687 10.26 9.80 14.11
N ILE A 688 10.34 10.75 15.05
CA ILE A 688 9.17 11.55 15.41
C ILE A 688 8.71 12.38 14.22
N LEU A 689 9.66 13.00 13.51
CA LEU A 689 9.32 13.80 12.34
C LEU A 689 8.69 12.95 11.24
N THR A 690 9.23 11.74 11.03
CA THR A 690 8.63 10.82 10.07
C THR A 690 7.21 10.44 10.49
N LEU A 691 7.01 10.21 11.80
CA LEU A 691 5.68 9.93 12.31
C LEU A 691 4.73 11.08 12.00
N ALA A 692 5.17 12.32 12.23
CA ALA A 692 4.30 13.47 12.03
C ALA A 692 3.91 13.63 10.57
N ARG A 693 4.88 13.51 9.66
CA ARG A 693 4.57 13.70 8.24
C ARG A 693 3.68 12.58 7.71
N ALA A 694 3.91 11.34 8.18
CA ALA A 694 3.08 10.22 7.74
C ALA A 694 1.65 10.39 8.21
N THR A 695 1.46 10.76 9.48
CA THR A 695 0.11 10.95 10.00
C THR A 695 -0.58 12.15 9.35
N HIS A 696 0.19 13.17 8.98
CA HIS A 696 -0.40 14.31 8.28
C HIS A 696 -0.88 13.93 6.89
N VAL A 697 -0.03 13.21 6.13
CA VAL A 697 -0.38 12.86 4.76
C VAL A 697 -1.55 11.87 4.74
N THR A 698 -1.53 10.87 5.63
CA THR A 698 -2.55 9.84 5.63
C THR A 698 -3.85 10.27 6.31
N ASP A 699 -3.88 11.46 6.91
CA ASP A 699 -5.07 11.98 7.60
C ASP A 699 -5.55 11.00 8.68
N PHE A 700 -4.60 10.51 9.48
CA PHE A 700 -4.92 9.54 10.52
C PHE A 700 -5.67 10.19 11.68
N PHE A 701 -5.37 11.45 11.98
CA PHE A 701 -5.90 12.11 13.17
C PHE A 701 -7.09 13.01 12.87
N THR A 702 -7.61 13.01 11.65
CA THR A 702 -8.79 13.81 11.35
C THR A 702 -10.01 13.23 12.06
N GLY A 703 -10.75 14.09 12.74
CA GLY A 703 -11.89 13.66 13.53
C GLY A 703 -11.56 13.23 14.94
N SER A 704 -10.31 13.33 15.36
CA SER A 704 -9.89 12.96 16.71
C SER A 704 -9.02 14.06 17.29
N ASP A 705 -9.07 14.18 18.62
CA ASP A 705 -8.29 15.19 19.34
C ASP A 705 -7.49 14.58 20.49
N SER A 706 -7.30 13.27 20.49
CA SER A 706 -6.58 12.59 21.57
C SER A 706 -5.59 11.60 20.99
N ILE A 707 -4.53 11.33 21.74
CA ILE A 707 -3.51 10.37 21.34
C ILE A 707 -3.69 9.03 22.04
N GLN A 708 -4.36 8.98 23.20
CA GLN A 708 -4.58 7.73 23.89
C GLN A 708 -5.47 6.81 23.06
N GLY A 709 -5.19 5.51 23.14
CA GLY A 709 -5.87 4.53 22.32
C GLY A 709 -5.28 4.32 20.95
N THR A 710 -4.21 5.03 20.61
CA THR A 710 -3.53 4.90 19.33
C THR A 710 -2.18 4.23 19.52
N TRP A 711 -1.59 3.82 18.41
CA TRP A 711 -0.31 3.12 18.42
C TRP A 711 0.87 4.04 18.67
N CYS A 712 0.68 5.36 18.52
CA CYS A 712 1.78 6.29 18.70
C CYS A 712 2.10 6.57 20.16
N LYS A 713 1.17 6.28 21.07
CA LYS A 713 1.33 6.67 22.47
C LYS A 713 2.53 5.98 23.12
N ASP A 714 2.60 4.65 23.01
CA ASP A 714 3.69 3.92 23.65
C ASP A 714 5.03 4.25 22.99
N ILE A 715 5.04 4.40 21.67
CA ILE A 715 6.28 4.74 20.98
C ILE A 715 6.80 6.09 21.43
N LEU A 716 5.91 7.08 21.53
CA LEU A 716 6.32 8.40 21.97
C LEU A 716 6.79 8.37 23.43
N GLN A 717 6.09 7.63 24.29
CA GLN A 717 6.50 7.55 25.69
C GLN A 717 7.87 6.91 25.85
N THR A 718 8.12 5.81 25.13
CA THR A 718 9.41 5.15 25.23
C THR A 718 10.50 5.96 24.53
N ILE A 719 10.13 6.83 23.58
CA ILE A 719 11.09 7.79 23.05
C ILE A 719 11.42 8.84 24.12
N MET A 720 10.42 9.28 24.87
CA MET A 720 10.67 10.21 25.97
C MET A 720 11.60 9.60 27.01
N SER A 721 11.48 8.30 27.25
CA SER A 721 12.52 7.58 27.97
C SER A 721 13.74 7.41 27.07
N PHE A 722 14.91 7.43 27.70
CA PHE A 722 16.21 7.33 27.02
C PHE A 722 16.52 8.57 26.18
N THR A 723 15.55 9.48 26.04
CA THR A 723 15.76 10.68 25.23
C THR A 723 14.71 11.74 25.57
N PRO A 724 14.90 12.49 26.66
CA PRO A 724 14.03 13.65 26.91
C PRO A 724 14.49 14.84 26.08
N HIS A 725 13.54 15.46 25.38
CA HIS A 725 13.88 16.59 24.51
C HIS A 725 12.64 17.46 24.33
N ASN A 726 12.89 18.68 23.85
CA ASN A 726 11.83 19.65 23.58
C ASN A 726 11.89 20.06 22.11
N TRP A 727 10.73 20.44 21.58
CA TRP A 727 10.59 20.85 20.20
C TRP A 727 10.37 22.35 20.12
N ALA A 728 11.01 22.98 19.14
CA ALA A 728 10.86 24.42 18.95
C ALA A 728 9.43 24.75 18.56
N SER A 729 9.04 26.01 18.80
CA SER A 729 7.67 26.44 18.54
C SER A 729 7.32 26.33 17.06
N HIS A 730 8.23 26.78 16.19
CA HIS A 730 7.93 26.76 14.75
C HIS A 730 7.85 25.33 14.23
N THR A 731 8.72 24.44 14.71
CA THR A 731 8.68 23.05 14.27
C THR A 731 7.58 22.24 14.94
N LEU A 732 7.00 22.76 16.03
CA LEU A 732 5.91 22.07 16.71
C LEU A 732 4.54 22.54 16.24
N SER A 733 4.43 23.77 15.72
CA SER A 733 3.16 24.28 15.25
C SER A 733 2.64 23.52 14.03
N CYS A 734 3.52 22.83 13.30
CA CYS A 734 3.11 22.09 12.11
C CYS A 734 2.74 20.64 12.42
N PHE A 735 2.94 20.18 13.65
CA PHE A 735 2.56 18.83 14.01
C PHE A 735 1.04 18.70 14.10
N PRO A 736 0.52 17.49 13.93
CA PRO A 736 -0.91 17.27 14.16
C PRO A 736 -1.30 17.56 15.60
N GLY A 737 -2.61 17.69 15.81
CA GLY A 737 -3.15 18.10 17.10
C GLY A 737 -2.79 17.19 18.26
N PRO A 738 -3.00 15.87 18.10
CA PRO A 738 -2.57 14.95 19.17
C PRO A 738 -1.09 15.02 19.49
N LEU A 739 -0.24 15.17 18.48
CA LEU A 739 1.20 15.31 18.73
C LEU A 739 1.50 16.58 19.49
N GLN A 740 0.88 17.70 19.10
CA GLN A 740 1.09 18.95 19.81
C GLN A 740 0.62 18.85 21.25
N ALA A 741 -0.56 18.24 21.46
CA ALA A 741 -1.07 18.09 22.82
C ALA A 741 -0.15 17.22 23.67
N PHE A 742 0.41 16.16 23.08
CA PHE A 742 1.36 15.32 23.80
C PHE A 742 2.61 16.10 24.20
N PHE A 743 3.12 16.93 23.29
CA PHE A 743 4.36 17.64 23.55
C PHE A 743 4.17 18.92 24.37
N LYS A 744 2.93 19.41 24.54
CA LYS A 744 2.72 20.53 25.46
C LYS A 744 3.04 20.11 26.88
N GLN A 745 2.57 18.94 27.29
CA GLN A 745 3.07 18.29 28.49
C GLN A 745 4.34 17.51 28.13
N ASN A 746 4.88 16.78 29.11
CA ASN A 746 6.17 16.11 28.96
C ASN A 746 7.28 17.11 28.61
N ASN A 747 7.16 18.34 29.09
CA ASN A 747 8.19 19.34 28.84
C ASN A 747 9.41 19.08 29.70
N VAL A 748 10.58 19.30 29.12
CA VAL A 748 11.85 18.99 29.77
C VAL A 748 12.56 20.31 30.07
N PRO A 749 13.04 20.53 31.29
CA PRO A 749 13.77 21.77 31.58
C PRO A 749 15.05 21.87 30.78
N GLN A 750 15.41 23.10 30.43
CA GLN A 750 16.58 23.39 29.60
C GLN A 750 17.67 24.07 30.41
N GLU A 751 18.90 23.65 30.19
CA GLU A 751 20.06 24.28 30.81
C GLU A 751 20.17 25.73 30.38
N SER A 752 20.35 26.62 31.34
CA SER A 752 20.39 28.04 31.04
C SER A 752 21.72 28.42 30.39
N ARG A 753 21.66 29.44 29.52
CA ARG A 753 22.87 29.89 28.83
C ARG A 753 23.88 30.47 29.81
N PHE A 754 23.39 31.15 30.86
CA PHE A 754 24.29 31.70 31.86
C PHE A 754 25.08 30.60 32.56
N ASN A 755 24.39 29.53 32.97
CA ASN A 755 25.08 28.42 33.62
C ASN A 755 26.01 27.70 32.66
N LEU A 756 25.61 27.58 31.39
CA LEU A 756 26.46 26.96 30.39
C LEU A 756 27.76 27.75 30.21
N LYS A 757 27.64 29.08 30.10
CA LYS A 757 28.83 29.91 29.94
C LYS A 757 29.72 29.85 31.18
N LYS A 758 29.11 29.88 32.38
CA LYS A 758 29.88 29.78 33.60
C LYS A 758 30.62 28.45 33.69
N ASN A 759 29.96 27.36 33.31
CA ASN A 759 30.62 26.05 33.32
C ASN A 759 31.78 26.00 32.34
N VAL A 760 31.59 26.56 31.14
CA VAL A 760 32.67 26.56 30.15
C VAL A 760 33.85 27.37 30.65
N GLU A 761 33.60 28.54 31.22
CA GLU A 761 34.68 29.37 31.73
C GLU A 761 35.41 28.67 32.87
N GLU A 762 34.67 28.04 33.78
CA GLU A 762 35.29 27.33 34.89
C GLU A 762 36.11 26.13 34.42
N GLU A 763 35.60 25.41 33.42
CA GLU A 763 36.35 24.26 32.91
C GLU A 763 37.63 24.72 32.21
N TYR A 764 37.58 25.84 31.49
CA TYR A 764 38.77 26.36 30.83
C TYR A 764 39.81 26.81 31.86
N ARG A 765 39.38 27.54 32.89
CA ARG A 765 40.34 28.01 33.89
C ARG A 765 40.97 26.85 34.64
N LYS A 766 40.20 25.76 34.85
CA LYS A 766 40.75 24.57 35.50
C LYS A 766 41.70 23.83 34.57
N TRP A 767 41.38 23.79 33.28
CA TRP A 767 42.26 23.14 32.32
C TRP A 767 43.62 23.82 32.25
N LYS A 768 43.63 25.15 32.23
CA LYS A 768 44.89 25.90 32.17
C LYS A 768 45.63 25.92 33.50
N SER A 769 45.00 25.48 34.59
CA SER A 769 45.63 25.49 35.91
C SER A 769 46.25 24.15 36.28
N MET A 770 46.25 23.18 35.39
CA MET A 770 46.77 21.85 35.68
C MET A 770 48.07 21.61 34.93
N SER A 771 48.96 20.82 35.54
CA SER A 771 50.27 20.55 34.98
C SER A 771 50.57 19.08 34.74
N ASN A 772 49.85 18.16 35.36
CA ASN A 772 50.10 16.74 35.20
C ASN A 772 49.57 16.28 33.84
N GLU A 773 49.61 14.97 33.59
CA GLU A 773 49.05 14.40 32.38
C GLU A 773 47.94 13.41 32.64
N ASN A 774 48.18 12.40 33.48
CA ASN A 774 47.16 11.39 33.75
C ASN A 774 45.96 12.01 34.47
N ASP A 775 46.21 12.97 35.36
CA ASP A 775 45.12 13.64 36.05
C ASP A 775 44.21 14.40 35.08
N ILE A 776 44.80 15.11 34.12
CA ILE A 776 43.99 15.81 33.13
C ILE A 776 43.18 14.84 32.30
N ILE A 777 43.81 13.75 31.84
CA ILE A 777 43.11 12.78 31.01
C ILE A 777 41.94 12.18 31.77
N THR A 778 42.17 11.77 33.02
CA THR A 778 41.11 11.15 33.81
C THR A 778 39.99 12.15 34.11
N HIS A 779 40.34 13.39 34.45
CA HIS A 779 39.33 14.38 34.80
C HIS A 779 38.46 14.74 33.61
N PHE A 780 39.05 14.94 32.45
CA PHE A 780 38.32 15.42 31.28
C PHE A 780 37.80 14.30 30.39
N SER A 781 38.05 13.04 30.74
CA SER A 781 37.47 11.91 30.03
C SER A 781 36.52 11.10 30.89
N MET A 782 36.24 11.56 32.12
CA MET A 782 35.38 10.81 33.02
C MET A 782 33.94 10.83 32.52
N GLN A 783 33.33 9.65 32.49
CA GLN A 783 31.92 9.55 32.12
C GLN A 783 31.04 10.12 33.23
N GLY A 784 29.98 10.82 32.82
CA GLY A 784 29.08 11.48 33.73
C GLY A 784 29.32 12.96 33.89
N SER A 785 30.53 13.43 33.59
CA SER A 785 30.80 14.85 33.59
C SER A 785 30.08 15.52 32.43
N PRO A 786 29.66 16.77 32.57
CA PRO A 786 28.98 17.47 31.49
C PRO A 786 29.84 17.53 30.25
N PRO A 787 29.24 17.33 29.06
CA PRO A 787 30.03 17.30 27.82
C PRO A 787 30.44 18.68 27.34
N LEU A 788 31.56 19.20 27.85
CA LEU A 788 32.01 20.53 27.51
C LEU A 788 33.37 20.56 26.83
N PHE A 789 33.89 19.41 26.38
CA PHE A 789 35.26 19.39 25.89
C PHE A 789 35.39 20.03 24.51
N LEU A 790 34.38 19.89 23.65
CA LEU A 790 34.42 20.61 22.38
C LEU A 790 34.37 22.12 22.59
N CYS A 791 33.59 22.56 23.57
CA CYS A 791 33.59 23.97 23.94
C CYS A 791 34.97 24.40 24.42
N LEU A 792 35.64 23.53 25.19
CA LEU A 792 37.00 23.83 25.64
C LEU A 792 37.97 23.91 24.48
N LEU A 793 37.82 23.01 23.49
CA LEU A 793 38.66 23.08 22.30
C LEU A 793 38.45 24.39 21.56
N TRP A 794 37.19 24.81 21.42
CA TRP A 794 36.89 26.09 20.79
C TRP A 794 37.52 27.25 21.56
N LYS A 795 37.38 27.23 22.88
CA LYS A 795 37.94 28.31 23.70
C LYS A 795 39.45 28.37 23.60
N MET A 796 40.11 27.20 23.60
CA MET A 796 41.57 27.19 23.50
C MET A 796 42.03 27.79 22.16
N LEU A 797 41.65 27.17 21.06
CA LEU A 797 42.19 27.62 19.77
C LEU A 797 41.54 28.90 19.27
N LEU A 798 40.61 29.49 20.01
CA LEU A 798 40.17 30.85 19.71
C LEU A 798 41.20 31.88 20.16
N GLU A 799 41.91 31.63 21.26
CA GLU A 799 42.87 32.57 21.81
C GLU A 799 44.32 32.17 21.60
N THR A 800 44.63 30.88 21.50
CA THR A 800 46.01 30.44 21.35
C THR A 800 46.29 29.79 19.99
N ASP A 801 45.24 29.41 19.26
CA ASP A 801 45.35 28.95 17.86
C ASP A 801 46.25 27.73 17.74
N HIS A 802 46.18 26.83 18.73
CA HIS A 802 46.75 25.50 18.59
C HIS A 802 46.21 24.63 19.72
N ILE A 803 46.35 23.31 19.54
CA ILE A 803 45.89 22.32 20.49
C ILE A 803 47.08 21.46 20.90
N ASN A 804 47.24 21.26 22.20
CA ASN A 804 48.35 20.47 22.71
C ASN A 804 48.11 18.98 22.48
N GLN A 805 49.13 18.18 22.81
CA GLN A 805 49.00 16.73 22.71
C GLN A 805 47.94 16.20 23.67
N ILE A 806 47.72 16.88 24.79
CA ILE A 806 46.76 16.42 25.78
C ILE A 806 45.34 16.47 25.20
N GLY A 807 45.05 17.48 24.38
CA GLY A 807 43.75 17.55 23.74
C GLY A 807 43.47 16.36 22.84
N TYR A 808 44.47 15.97 22.04
CA TYR A 808 44.31 14.79 21.21
C TYR A 808 44.12 13.53 22.06
N ARG A 809 44.86 13.43 23.16
CA ARG A 809 44.72 12.26 24.03
C ARG A 809 43.33 12.19 24.62
N VAL A 810 42.77 13.33 25.04
CA VAL A 810 41.42 13.33 25.60
C VAL A 810 40.39 12.95 24.53
N LEU A 811 40.52 13.50 23.32
CA LEU A 811 39.60 13.14 22.25
C LEU A 811 39.67 11.66 21.92
N GLU A 812 40.88 11.10 21.86
CA GLU A 812 41.00 9.66 21.60
C GLU A 812 40.36 8.84 22.72
N ARG A 813 40.53 9.29 23.96
CA ARG A 813 40.01 8.52 25.10
C ARG A 813 38.50 8.59 25.20
N ILE A 814 37.89 9.73 24.82
CA ILE A 814 36.46 9.93 25.05
C ILE A 814 35.65 8.92 24.24
N GLY A 815 35.94 8.81 22.95
CA GLY A 815 35.29 7.81 22.12
C GLY A 815 34.18 8.40 21.26
N ALA A 816 34.00 7.81 20.07
CA ALA A 816 33.03 8.33 19.11
C ALA A 816 31.62 8.32 19.66
N ARG A 817 31.23 7.22 20.32
CA ARG A 817 29.87 7.11 20.82
C ARG A 817 29.56 8.17 21.86
N ALA A 818 30.56 8.57 22.64
CA ALA A 818 30.38 9.58 23.68
C ALA A 818 30.61 11.01 23.18
N LEU A 819 31.19 11.19 22.00
CA LEU A 819 31.36 12.54 21.45
C LEU A 819 30.06 13.15 20.97
N VAL A 820 29.00 12.37 20.81
CA VAL A 820 27.74 12.91 20.29
C VAL A 820 27.16 13.92 21.27
N ALA A 821 27.22 13.64 22.57
CA ALA A 821 26.74 14.59 23.57
C ALA A 821 27.57 15.87 23.56
N HIS A 822 28.88 15.74 23.37
CA HIS A 822 29.74 16.92 23.29
C HIS A 822 29.37 17.79 22.08
N VAL A 823 29.11 17.15 20.94
CA VAL A 823 28.67 17.88 19.76
C VAL A 823 27.33 18.55 20.03
N ARG A 824 26.43 17.84 20.72
CA ARG A 824 25.10 18.38 21.00
C ARG A 824 25.19 19.63 21.86
N THR A 825 26.03 19.62 22.90
CA THR A 825 26.19 20.80 23.74
C THR A 825 26.98 21.90 23.02
N PHE A 826 27.94 21.50 22.17
CA PHE A 826 28.69 22.49 21.40
C PHE A 826 27.78 23.26 20.45
N ALA A 827 26.73 22.62 19.96
CA ALA A 827 25.76 23.31 19.10
C ALA A 827 25.10 24.46 19.85
N ASP A 828 24.60 24.19 21.05
CA ASP A 828 23.96 25.24 21.85
C ASP A 828 24.95 26.34 22.22
N PHE A 829 26.18 25.95 22.58
CA PHE A 829 27.19 26.94 22.92
C PHE A 829 27.52 27.83 21.72
N LEU A 830 27.58 27.23 20.53
CA LEU A 830 27.83 28.00 19.32
C LEU A 830 26.71 29.01 19.07
N VAL A 831 25.46 28.59 19.25
CA VAL A 831 24.32 29.48 19.02
C VAL A 831 24.37 30.64 20.00
N TYR A 832 24.63 30.35 21.27
CA TYR A 832 24.69 31.42 22.27
C TYR A 832 25.84 32.37 21.99
N GLU A 833 27.02 31.84 21.65
CA GLU A 833 28.17 32.69 21.41
C GLU A 833 27.97 33.56 20.18
N PHE A 834 27.42 33.00 19.10
CA PHE A 834 27.18 33.80 17.90
C PHE A 834 26.13 34.87 18.14
N SER A 835 25.07 34.54 18.90
CA SER A 835 24.06 35.54 19.22
C SER A 835 24.64 36.67 20.07
N THR A 836 25.48 36.33 21.04
CA THR A 836 26.11 37.33 21.90
C THR A 836 27.51 37.69 21.36
N SER A 837 27.51 38.25 20.16
CA SER A 837 28.76 38.63 19.51
C SER A 837 28.51 39.84 18.62
N ALA A 838 29.62 40.46 18.21
CA ALA A 838 29.62 41.65 17.36
C ALA A 838 29.34 41.26 15.92
N GLY A 839 29.68 42.11 14.96
CA GLY A 839 29.60 41.77 13.57
C GLY A 839 30.91 42.05 12.85
N GLY A 840 31.11 41.33 11.74
CA GLY A 840 32.26 41.57 10.89
C GLY A 840 33.44 40.63 11.13
N GLN A 841 34.53 41.17 11.67
CA GLN A 841 35.70 40.35 11.95
C GLN A 841 35.37 39.28 13.00
N GLN A 842 34.56 39.64 13.99
CA GLN A 842 34.23 38.70 15.06
C GLN A 842 33.42 37.51 14.58
N LEU A 843 32.74 37.63 13.43
CA LEU A 843 32.04 36.50 12.82
C LEU A 843 32.89 35.77 11.80
N ASN A 844 33.66 36.50 10.99
CA ASN A 844 34.52 35.86 10.01
C ASN A 844 35.55 34.97 10.71
N LYS A 845 36.10 35.45 11.83
CA LYS A 845 37.03 34.63 12.59
C LYS A 845 36.34 33.38 13.13
N CYS A 846 35.15 33.54 13.71
CA CYS A 846 34.45 32.40 14.31
C CYS A 846 34.08 31.36 13.26
N ILE A 847 33.59 31.79 12.10
CA ILE A 847 33.21 30.83 11.07
C ILE A 847 34.45 30.14 10.49
N GLU A 848 35.57 30.88 10.40
CA GLU A 848 36.81 30.25 9.95
C GLU A 848 37.29 29.21 10.96
N ILE A 849 37.15 29.51 12.26
CA ILE A 849 37.47 28.54 13.31
C ILE A 849 36.60 27.30 13.17
N LEU A 850 35.29 27.48 12.99
CA LEU A 850 34.41 26.32 12.88
C LEU A 850 34.74 25.48 11.67
N ASN A 851 35.01 26.12 10.53
CA ASN A 851 35.38 25.39 9.33
C ASN A 851 36.71 24.66 9.53
N ASP A 852 37.66 25.28 10.20
CA ASP A 852 38.93 24.62 10.50
C ASP A 852 38.73 23.39 11.38
N MET A 853 37.85 23.50 12.37
CA MET A 853 37.58 22.35 13.23
C MET A 853 36.95 21.20 12.44
N VAL A 854 36.06 21.53 11.50
CA VAL A 854 35.40 20.49 10.71
C VAL A 854 36.39 19.79 9.78
N TRP A 855 37.20 20.58 9.06
CA TRP A 855 38.01 20.03 7.98
C TRP A 855 39.49 19.89 8.35
N LYS A 856 40.11 20.99 8.79
CA LYS A 856 41.56 20.96 9.01
C LYS A 856 41.94 20.01 10.14
N TYR A 857 41.19 20.03 11.24
CA TYR A 857 41.51 19.20 12.41
C TYR A 857 40.72 17.91 12.46
N ASN A 858 39.66 17.78 11.66
CA ASN A 858 38.88 16.54 11.57
C ASN A 858 38.32 16.12 12.92
N ILE A 859 37.91 17.10 13.73
CA ILE A 859 37.36 16.80 15.04
C ILE A 859 35.99 16.14 14.92
N VAL A 860 35.12 16.72 14.09
CA VAL A 860 33.75 16.23 13.92
C VAL A 860 33.41 16.30 12.44
N THR A 861 32.58 15.36 12.00
CA THR A 861 32.24 15.24 10.59
C THR A 861 31.08 16.18 10.27
N LEU A 862 31.08 16.68 9.02
CA LEU A 862 30.21 17.80 8.66
C LEU A 862 28.73 17.47 8.81
N ASP A 863 28.31 16.29 8.33
CA ASP A 863 26.88 15.95 8.40
C ASP A 863 26.42 15.77 9.85
N ARG A 864 27.26 15.15 10.68
CA ARG A 864 26.91 15.02 12.09
C ARG A 864 26.76 16.39 12.76
N LEU A 865 27.71 17.29 12.48
CA LEU A 865 27.64 18.62 13.09
C LEU A 865 26.39 19.37 12.63
N ILE A 866 26.11 19.33 11.33
CA ILE A 866 24.97 20.07 10.80
C ILE A 866 23.65 19.47 11.29
N LEU A 867 23.59 18.14 11.40
CA LEU A 867 22.39 17.50 11.94
C LEU A 867 22.17 17.88 13.39
N CYS A 868 23.24 17.87 14.20
CA CYS A 868 23.09 18.26 15.61
C CYS A 868 22.71 19.73 15.74
N LEU A 869 23.18 20.58 14.83
CA LEU A 869 22.75 21.97 14.81
C LEU A 869 21.27 22.09 14.46
N ALA A 870 20.83 21.39 13.42
CA ALA A 870 19.47 21.53 12.93
C ALA A 870 18.43 20.84 13.82
N MET A 871 18.86 19.94 14.72
CA MET A 871 17.96 19.27 15.64
C MET A 871 17.87 19.97 16.99
N ARG A 872 18.01 21.29 17.04
CA ARG A 872 17.97 22.00 18.30
C ARG A 872 16.58 22.56 18.55
N SER A 873 16.41 23.21 19.71
CA SER A 873 15.11 23.68 20.18
C SER A 873 15.18 25.15 20.55
N HIS A 874 15.74 25.96 19.66
CA HIS A 874 15.85 27.39 19.89
C HIS A 874 14.60 28.12 19.40
N GLU A 875 14.49 29.39 19.77
CA GLU A 875 13.30 30.20 19.49
C GLU A 875 13.70 31.52 18.86
N GLY A 876 13.05 31.88 17.76
CA GLY A 876 13.18 33.20 17.19
C GLY A 876 14.59 33.61 16.77
N ASN A 877 15.18 34.54 17.51
CA ASN A 877 16.50 35.05 17.15
C ASN A 877 17.56 33.96 17.23
N GLU A 878 17.50 33.12 18.27
CA GLU A 878 18.44 32.01 18.38
C GLU A 878 18.26 31.02 17.22
N ALA A 879 17.01 30.77 16.81
CA ALA A 879 16.78 29.90 15.67
C ALA A 879 17.35 30.50 14.38
N GLN A 880 17.17 31.81 14.20
CA GLN A 880 17.75 32.48 13.05
C GLN A 880 19.27 32.38 13.06
N VAL A 881 19.89 32.55 14.24
CA VAL A 881 21.33 32.45 14.35
C VAL A 881 21.80 31.04 14.00
N CYS A 882 21.07 30.02 14.49
CA CYS A 882 21.47 28.64 14.24
C CYS A 882 21.41 28.31 12.75
N TYR A 883 20.33 28.71 12.08
CA TYR A 883 20.22 28.42 10.65
C TYR A 883 21.18 29.27 9.82
N PHE A 884 21.49 30.48 10.28
CA PHE A 884 22.53 31.27 9.64
C PHE A 884 23.89 30.60 9.77
N ILE A 885 24.16 30.00 10.94
CA ILE A 885 25.41 29.26 11.13
C ILE A 885 25.47 28.08 10.17
N ILE A 886 24.36 27.36 10.01
CA ILE A 886 24.32 26.23 9.09
C ILE A 886 24.61 26.68 7.67
N GLN A 887 23.97 27.77 7.24
CA GLN A 887 24.18 28.27 5.89
C GLN A 887 25.62 28.71 5.67
N LEU A 888 26.19 29.45 6.63
CA LEU A 888 27.57 29.90 6.49
C LEU A 888 28.55 28.73 6.47
N LEU A 889 28.34 27.74 7.33
CA LEU A 889 29.21 26.57 7.33
C LEU A 889 29.13 25.81 6.02
N LEU A 890 27.95 25.78 5.39
CA LEU A 890 27.79 25.05 4.15
C LEU A 890 28.40 25.80 2.96
N LEU A 891 28.25 27.13 2.91
CA LEU A 891 28.54 27.86 1.69
C LEU A 891 29.78 28.74 1.75
N LYS A 892 30.15 29.27 2.92
CA LYS A 892 31.26 30.21 2.97
C LYS A 892 32.59 29.59 2.55
N PRO A 893 33.02 28.43 3.05
CA PRO A 893 34.29 27.86 2.59
C PRO A 893 34.08 27.03 1.32
N ASN A 894 35.21 26.67 0.71
CA ASN A 894 35.21 25.93 -0.54
C ASN A 894 35.25 24.42 -0.35
N ASP A 895 35.42 23.92 0.88
CA ASP A 895 35.71 22.51 1.09
C ASP A 895 34.55 21.62 0.66
N PHE A 896 33.33 22.01 0.98
CA PHE A 896 32.18 21.17 0.61
C PHE A 896 31.74 21.45 -0.82
N ARG A 897 31.81 22.70 -1.27
CA ARG A 897 31.39 23.05 -2.62
C ARG A 897 32.25 22.36 -3.67
N ASN A 898 33.56 22.32 -3.45
CA ASN A 898 34.45 21.64 -4.39
C ASN A 898 34.13 20.15 -4.49
N ARG A 899 33.90 19.52 -3.34
CA ARG A 899 33.57 18.09 -3.32
C ARG A 899 32.26 17.81 -4.06
N VAL A 900 31.25 18.62 -3.80
CA VAL A 900 29.95 18.43 -4.46
C VAL A 900 30.08 18.63 -5.96
N SER A 901 30.80 19.67 -6.38
CA SER A 901 30.95 19.94 -7.81
C SER A 901 31.67 18.80 -8.51
N ASP A 902 32.75 18.30 -7.90
CA ASP A 902 33.51 17.21 -8.50
C ASP A 902 32.68 15.93 -8.56
N PHE A 903 32.02 15.58 -7.46
CA PHE A 903 31.24 14.34 -7.47
C PHE A 903 30.12 14.40 -8.51
N VAL A 904 29.43 15.53 -8.60
CA VAL A 904 28.35 15.67 -9.57
C VAL A 904 28.89 15.62 -10.99
N LYS A 905 30.04 16.24 -11.24
CA LYS A 905 30.53 16.36 -12.60
C LYS A 905 31.07 15.04 -13.13
N GLU A 906 31.78 14.27 -12.30
CA GLU A 906 32.34 12.99 -12.74
C GLU A 906 31.60 11.76 -12.20
N ASN A 907 30.31 11.87 -11.87
CA ASN A 907 29.57 10.67 -11.48
C ASN A 907 28.14 10.74 -12.01
N SER A 908 27.56 9.55 -12.17
CA SER A 908 26.22 9.32 -12.69
C SER A 908 25.45 8.42 -11.74
N PRO A 909 24.12 8.62 -11.64
CA PRO A 909 23.35 7.86 -10.63
C PRO A 909 22.93 6.47 -11.06
N GLU A 910 22.85 6.19 -12.36
CA GLU A 910 22.40 4.88 -12.85
C GLU A 910 23.52 3.87 -12.62
N HIS A 911 23.61 3.38 -11.39
CA HIS A 911 24.73 2.55 -10.97
C HIS A 911 24.69 1.15 -11.59
N TRP A 912 23.53 0.70 -12.06
CA TRP A 912 23.40 -0.64 -12.62
C TRP A 912 23.82 -0.73 -14.08
N LEU A 913 24.20 0.40 -14.70
CA LEU A 913 24.59 0.43 -16.10
C LEU A 913 26.06 0.81 -16.28
N GLN A 914 26.86 0.75 -15.21
CA GLN A 914 28.24 1.20 -15.25
C GLN A 914 29.19 0.03 -14.99
N ASN A 915 30.44 0.22 -15.42
CA ASN A 915 31.50 -0.76 -15.22
C ASN A 915 32.72 -0.20 -14.53
N ASP A 916 32.84 1.11 -14.36
CA ASP A 916 34.04 1.74 -13.83
C ASP A 916 33.76 2.57 -12.59
N TRP A 917 32.72 2.22 -11.84
CA TRP A 917 32.40 2.96 -10.62
C TRP A 917 33.56 2.92 -9.63
N HIS A 918 34.27 1.79 -9.56
CA HIS A 918 35.35 1.68 -8.60
C HIS A 918 36.53 2.58 -8.96
N THR A 919 36.83 2.70 -10.27
CA THR A 919 37.87 3.63 -10.69
C THR A 919 37.48 5.07 -10.38
N LYS A 920 36.21 5.43 -10.63
CA LYS A 920 35.73 6.75 -10.28
C LYS A 920 35.78 6.97 -8.77
N HIS A 921 35.48 5.91 -8.01
CA HIS A 921 35.49 6.01 -6.55
C HIS A 921 36.90 6.25 -6.02
N MET A 922 37.90 5.53 -6.55
CA MET A 922 39.28 5.80 -6.17
C MET A 922 39.71 7.20 -6.58
N ASN A 923 39.30 7.65 -7.77
CA ASN A 923 39.66 8.99 -8.21
C ASN A 923 39.16 10.05 -7.24
N TYR A 924 37.89 9.96 -6.86
CA TYR A 924 37.33 10.95 -5.94
C TYR A 924 37.99 10.87 -4.57
N HIS A 925 38.19 9.66 -4.04
CA HIS A 925 38.75 9.53 -2.70
C HIS A 925 40.23 9.91 -2.67
N LYS A 926 40.96 9.65 -3.75
CA LYS A 926 42.35 10.09 -3.80
C LYS A 926 42.44 11.62 -3.87
N LYS A 927 41.53 12.24 -4.62
CA LYS A 927 41.49 13.71 -4.65
C LYS A 927 41.11 14.27 -3.30
N TYR A 928 40.12 13.67 -2.63
CA TYR A 928 39.63 14.13 -1.33
C TYR A 928 39.63 12.98 -0.35
N PRO A 929 40.72 12.77 0.38
CA PRO A 929 40.73 11.70 1.39
C PRO A 929 39.77 12.00 2.53
N GLU A 930 39.28 10.94 3.16
CA GLU A 930 38.37 11.03 4.29
C GLU A 930 39.11 10.66 5.57
N LYS A 931 38.99 11.53 6.57
CA LYS A 931 39.64 11.34 7.86
C LYS A 931 38.60 11.13 8.94
N LEU A 932 38.80 10.09 9.76
CA LEU A 932 37.86 9.76 10.82
C LEU A 932 38.52 9.49 12.17
N TYR A 933 39.84 9.54 12.25
CA TYR A 933 40.57 9.23 13.47
C TYR A 933 41.47 10.39 13.90
N PHE A 934 40.99 11.62 13.69
CA PHE A 934 41.67 12.83 14.14
C PHE A 934 43.10 12.92 13.59
N GLU A 935 43.25 12.60 12.30
CA GLU A 935 44.57 12.60 11.69
C GLU A 935 45.17 14.00 11.67
N GLY A 936 44.38 15.01 11.31
CA GLY A 936 44.90 16.37 11.26
C GLY A 936 45.35 16.86 12.62
N LEU A 937 44.54 16.65 13.65
CA LEU A 937 44.92 17.06 14.99
C LEU A 937 46.15 16.32 15.48
N ALA A 938 46.23 15.02 15.16
CA ALA A 938 47.42 14.25 15.53
C ALA A 938 48.66 14.82 14.87
N GLU A 939 48.55 15.23 13.60
CA GLU A 939 49.69 15.80 12.90
C GLU A 939 50.10 17.15 13.49
N GLN A 940 49.13 18.00 13.82
CA GLN A 940 49.42 19.36 14.28
C GLN A 940 49.63 19.39 15.80
N VAL A 941 50.65 18.64 16.23
CA VAL A 941 51.11 18.65 17.61
C VAL A 941 52.62 18.85 17.57
N ASP A 942 53.15 19.55 18.58
CA ASP A 942 54.57 19.90 18.56
C ASP A 942 55.47 18.66 18.46
N PRO A 943 55.30 17.62 19.27
CA PRO A 943 55.72 16.28 18.83
C PRO A 943 54.64 15.65 17.97
N PRO A 944 54.92 15.35 16.71
CA PRO A 944 53.92 14.68 15.87
C PRO A 944 53.53 13.33 16.45
N VAL A 945 52.25 13.00 16.32
CA VAL A 945 51.69 11.77 16.88
C VAL A 945 51.31 10.86 15.72
N GLN A 946 51.73 9.59 15.80
CA GLN A 946 51.49 8.62 14.75
C GLN A 946 50.21 7.85 15.05
N ILE A 947 49.29 7.85 14.09
CA ILE A 947 48.04 7.10 14.20
C ILE A 947 48.22 5.75 13.51
N GLN A 948 47.81 4.69 14.18
CA GLN A 948 48.00 3.32 13.70
C GLN A 948 46.72 2.52 13.86
N SER A 949 45.60 3.12 13.44
CA SER A 949 44.31 2.45 13.46
C SER A 949 43.95 2.04 12.04
N PRO A 950 43.87 0.75 11.74
CA PRO A 950 43.53 0.34 10.36
C PRO A 950 42.14 0.77 9.96
N TYR A 951 41.97 1.04 8.68
CA TYR A 951 40.71 1.50 8.13
C TYR A 951 39.88 0.32 7.60
N LEU A 952 38.58 0.40 7.81
CA LEU A 952 37.67 -0.55 7.17
C LEU A 952 37.48 -0.17 5.71
N PRO A 953 37.29 -1.16 4.83
CA PRO A 953 37.15 -0.85 3.40
C PRO A 953 35.90 -0.02 3.12
N ILE A 954 36.02 0.86 2.12
CA ILE A 954 34.93 1.72 1.67
C ILE A 954 34.72 1.44 0.19
N TYR A 955 33.47 1.18 -0.19
CA TYR A 955 33.14 0.83 -1.56
C TYR A 955 32.18 1.78 -2.25
N PHE A 956 31.25 2.40 -1.52
CA PHE A 956 30.21 3.17 -2.19
C PHE A 956 30.05 4.58 -1.68
N GLY A 957 30.19 4.81 -0.37
CA GLY A 957 29.76 6.04 0.24
C GLY A 957 30.84 7.10 0.42
N ASN A 958 30.38 8.33 0.57
CA ASN A 958 31.25 9.47 0.88
C ASN A 958 30.42 10.52 1.60
N VAL A 959 31.07 11.65 1.93
CA VAL A 959 30.39 12.69 2.70
C VAL A 959 29.25 13.30 1.90
N CYS A 960 29.43 13.45 0.58
CA CYS A 960 28.38 14.03 -0.24
C CYS A 960 27.12 13.19 -0.23
N LEU A 961 27.27 11.86 -0.33
CA LEU A 961 26.10 10.98 -0.29
C LEU A 961 25.52 10.88 1.11
N ARG A 962 26.37 11.00 2.15
CA ARG A 962 25.86 10.95 3.52
C ARG A 962 25.07 12.21 3.88
N PHE A 963 25.32 13.33 3.21
CA PHE A 963 24.72 14.60 3.58
C PHE A 963 23.27 14.74 3.11
N LEU A 964 22.79 13.88 2.21
CA LEU A 964 21.48 14.11 1.61
C LEU A 964 20.34 14.12 2.61
N PRO A 965 20.18 13.15 3.51
CA PRO A 965 19.07 13.25 4.48
C PRO A 965 19.18 14.47 5.37
N VAL A 966 20.40 14.86 5.75
CA VAL A 966 20.59 16.07 6.53
C VAL A 966 20.12 17.28 5.74
N PHE A 967 20.36 17.28 4.42
CA PHE A 967 19.95 18.41 3.61
C PHE A 967 18.43 18.47 3.47
N ASP A 968 17.78 17.31 3.41
CA ASP A 968 16.31 17.28 3.43
C ASP A 968 15.78 17.90 4.70
N ILE A 969 16.36 17.54 5.84
CA ILE A 969 15.90 18.05 7.13
C ILE A 969 16.18 19.54 7.23
N VAL A 970 17.31 19.99 6.71
CA VAL A 970 17.63 21.41 6.70
C VAL A 970 16.63 22.19 5.85
N ILE A 971 16.24 21.62 4.71
CA ILE A 971 15.21 22.25 3.88
C ILE A 971 13.91 22.40 4.66
N HIS A 972 13.52 21.34 5.38
CA HIS A 972 12.28 21.39 6.14
C HIS A 972 12.33 22.48 7.21
N ARG A 973 13.45 22.59 7.92
CA ARG A 973 13.57 23.63 8.94
C ARG A 973 13.56 25.01 8.33
N PHE A 974 14.26 25.19 7.20
CA PHE A 974 14.28 26.50 6.54
C PHE A 974 12.89 26.88 6.05
N LEU A 975 12.11 25.90 5.61
CA LEU A 975 10.71 26.17 5.26
C LEU A 975 9.90 26.56 6.50
N GLU A 976 10.16 25.90 7.63
CA GLU A 976 9.40 26.17 8.84
C GLU A 976 9.62 27.59 9.34
N LEU A 977 10.85 28.08 9.29
CA LEU A 977 11.17 29.43 9.75
C LEU A 977 11.04 30.40 8.58
N LEU A 978 10.27 31.47 8.79
CA LEU A 978 9.88 32.40 7.74
C LEU A 978 11.00 33.39 7.37
N PRO A 979 11.65 34.06 8.32
CA PRO A 979 12.63 35.09 7.94
C PRO A 979 13.83 34.55 7.17
N VAL A 980 14.08 33.25 7.21
CA VAL A 980 15.25 32.67 6.56
C VAL A 980 14.90 32.04 5.21
N SER A 981 13.80 32.48 4.59
CA SER A 981 13.40 31.91 3.31
C SER A 981 14.35 32.31 2.19
N LYS A 982 15.01 33.47 2.29
CA LYS A 982 15.91 33.91 1.24
C LYS A 982 17.15 33.03 1.17
N SER A 983 17.63 32.52 2.31
CA SER A 983 18.82 31.68 2.31
C SER A 983 18.57 30.34 1.64
N LEU A 984 17.33 29.86 1.66
CA LEU A 984 17.03 28.57 1.05
C LEU A 984 17.21 28.61 -0.46
N GLU A 985 16.88 29.74 -1.08
CA GLU A 985 17.08 29.87 -2.53
C GLU A 985 18.56 29.78 -2.89
N THR A 986 19.43 30.45 -2.11
CA THR A 986 20.86 30.36 -2.36
C THR A 986 21.38 28.95 -2.12
N LEU A 987 20.89 28.29 -1.07
CA LEU A 987 21.31 26.93 -0.78
C LEU A 987 20.92 25.99 -1.92
N LEU A 988 19.71 26.13 -2.45
CA LEU A 988 19.29 25.31 -3.58
C LEU A 988 20.12 25.62 -4.81
N ASP A 989 20.38 26.90 -5.09
CA ASP A 989 21.13 27.27 -6.29
C ASP A 989 22.57 26.76 -6.23
N HIS A 990 23.12 26.59 -5.03
CA HIS A 990 24.51 26.18 -4.90
C HIS A 990 24.69 24.68 -4.72
N LEU A 991 23.78 24.00 -4.01
CA LEU A 991 23.93 22.58 -3.71
C LEU A 991 22.75 21.75 -4.21
N GLY A 992 22.05 22.24 -5.25
CA GLY A 992 20.90 21.52 -5.77
C GLY A 992 21.24 20.35 -6.68
N GLY A 993 22.47 20.30 -7.18
CA GLY A 993 22.86 19.22 -8.07
C GLY A 993 23.09 17.90 -7.39
N LEU A 994 23.12 17.88 -6.06
CA LEU A 994 23.34 16.63 -5.33
C LEU A 994 22.11 15.74 -5.30
N TYR A 995 20.93 16.28 -5.61
CA TYR A 995 19.71 15.48 -5.66
C TYR A 995 19.65 14.55 -6.86
N LYS A 996 20.57 14.67 -7.81
CA LYS A 996 20.62 13.71 -8.90
C LYS A 996 20.86 12.30 -8.38
N PHE A 997 21.42 12.17 -7.18
CA PHE A 997 21.68 10.88 -6.55
C PHE A 997 20.65 10.53 -5.48
N HIS A 998 19.60 11.33 -5.33
CA HIS A 998 18.57 11.03 -4.34
C HIS A 998 17.77 9.81 -4.74
N ASP A 999 17.36 9.03 -3.73
CA ASP A 999 16.61 7.80 -3.99
C ASP A 999 15.22 8.09 -4.50
N ARG A 1000 14.49 8.99 -3.83
CA ARG A 1000 13.10 9.28 -4.13
C ARG A 1000 12.87 10.79 -4.15
N PRO A 1001 13.39 11.49 -5.15
CA PRO A 1001 13.18 12.95 -5.21
C PRO A 1001 11.73 13.35 -5.40
N VAL A 1002 10.99 12.63 -6.25
CA VAL A 1002 9.60 12.96 -6.50
C VAL A 1002 8.77 12.75 -5.25
N THR A 1003 8.98 11.63 -4.55
CA THR A 1003 8.27 11.38 -3.31
C THR A 1003 8.62 12.41 -2.25
N TYR A 1004 9.89 12.82 -2.19
CA TYR A 1004 10.30 13.85 -1.24
C TYR A 1004 9.58 15.16 -1.49
N LEU A 1005 9.50 15.59 -2.76
CA LEU A 1005 8.79 16.82 -3.07
C LEU A 1005 7.30 16.69 -2.80
N TYR A 1006 6.72 15.52 -3.09
CA TYR A 1006 5.30 15.32 -2.81
C TYR A 1006 5.02 15.48 -1.32
N ASN A 1007 5.82 14.84 -0.48
CA ASN A 1007 5.63 14.96 0.96
C ASN A 1007 5.88 16.39 1.43
N THR A 1008 6.92 17.04 0.90
CA THR A 1008 7.24 18.39 1.32
C THR A 1008 6.13 19.37 0.98
N LEU A 1009 5.57 19.26 -0.22
CA LEU A 1009 4.52 20.19 -0.64
C LEU A 1009 3.19 19.87 0.04
N HIS A 1010 2.93 18.60 0.32
CA HIS A 1010 1.70 18.25 1.03
C HIS A 1010 1.75 18.71 2.49
N TYR A 1011 2.92 18.62 3.12
CA TYR A 1011 3.04 18.94 4.53
C TYR A 1011 3.02 20.44 4.79
N TYR A 1012 3.64 21.23 3.92
CA TYR A 1012 3.84 22.65 4.15
C TYR A 1012 2.98 23.51 3.23
N GLU A 1013 1.75 23.05 2.95
CA GLU A 1013 0.88 23.76 2.02
C GLU A 1013 0.50 25.14 2.56
N MET A 1014 0.16 25.22 3.86
CA MET A 1014 -0.24 26.50 4.43
C MET A 1014 0.92 27.49 4.41
N HIS A 1015 2.15 27.01 4.63
CA HIS A 1015 3.30 27.89 4.65
C HIS A 1015 3.73 28.34 3.25
N LEU A 1016 3.58 27.49 2.25
CA LEU A 1016 4.04 27.80 0.90
C LEU A 1016 2.94 28.31 -0.02
N ARG A 1017 1.69 28.42 0.46
CA ARG A 1017 0.62 28.86 -0.41
C ARG A 1017 0.75 30.33 -0.82
N ASP A 1018 1.50 31.12 -0.05
CA ASP A 1018 1.74 32.52 -0.41
C ASP A 1018 3.09 32.72 -1.10
N ARG A 1019 4.10 31.94 -0.74
CA ARG A 1019 5.42 32.04 -1.35
C ARG A 1019 5.46 31.13 -2.58
N ALA A 1020 4.85 31.62 -3.66
CA ALA A 1020 4.80 30.85 -4.89
C ALA A 1020 6.15 30.75 -5.57
N PHE A 1021 7.01 31.75 -5.38
CA PHE A 1021 8.33 31.73 -5.99
C PHE A 1021 9.28 30.75 -5.28
N LEU A 1022 9.02 30.44 -4.01
CA LEU A 1022 9.81 29.40 -3.35
C LEU A 1022 9.59 28.05 -4.02
N LYS A 1023 8.35 27.74 -4.37
CA LYS A 1023 8.08 26.66 -5.30
C LYS A 1023 8.51 27.10 -6.71
N ARG A 1024 8.66 26.12 -7.59
CA ARG A 1024 9.25 26.28 -8.93
C ARG A 1024 10.76 26.49 -8.80
N LYS A 1025 11.23 26.65 -7.55
CA LYS A 1025 12.64 26.63 -7.21
C LYS A 1025 13.02 25.38 -6.43
N LEU A 1026 12.16 24.97 -5.50
CA LEU A 1026 12.31 23.65 -4.88
C LEU A 1026 12.10 22.54 -5.91
N VAL A 1027 11.10 22.70 -6.79
CA VAL A 1027 10.80 21.68 -7.78
C VAL A 1027 11.90 21.64 -8.85
N HIS A 1028 12.31 22.81 -9.34
CA HIS A 1028 13.31 22.85 -10.41
C HIS A 1028 14.66 22.34 -9.93
N ALA A 1029 15.03 22.63 -8.69
CA ALA A 1029 16.33 22.22 -8.18
C ALA A 1029 16.42 20.71 -8.00
N ILE A 1030 15.30 20.06 -7.70
CA ILE A 1030 15.30 18.64 -7.32
C ILE A 1030 14.92 17.74 -8.48
N ILE A 1031 13.88 18.08 -9.23
CA ILE A 1031 13.52 17.31 -10.43
C ILE A 1031 14.14 17.92 -11.68
N GLY A 1032 13.94 19.21 -11.90
CA GLY A 1032 14.43 19.87 -13.10
C GLY A 1032 15.94 20.01 -13.15
N TRP A 1061 0.24 33.57 -14.41
CA TRP A 1061 -0.30 32.79 -15.53
C TRP A 1061 -1.31 31.76 -15.04
N VAL A 1062 -2.56 31.95 -15.41
CA VAL A 1062 -3.65 31.05 -15.00
C VAL A 1062 -3.87 30.04 -16.12
N PRO A 1063 -3.65 28.75 -15.87
CA PRO A 1063 -3.86 27.75 -16.93
C PRO A 1063 -5.32 27.63 -17.34
N ASP A 1064 -5.53 27.22 -18.58
CA ASP A 1064 -6.86 27.04 -19.13
C ASP A 1064 -7.35 25.62 -18.89
N ASP A 1065 -8.51 25.28 -19.46
CA ASP A 1065 -9.10 23.97 -19.22
C ASP A 1065 -8.37 22.86 -19.96
N THR A 1066 -7.73 23.18 -21.08
CA THR A 1066 -7.00 22.16 -21.84
C THR A 1066 -5.85 21.59 -21.04
N TYR A 1067 -5.20 22.41 -20.21
CA TYR A 1067 -4.14 21.92 -19.34
C TYR A 1067 -4.64 20.83 -18.41
N TYR A 1068 -5.74 21.08 -17.71
CA TYR A 1068 -6.30 20.08 -16.79
C TYR A 1068 -6.78 18.85 -17.55
N CYS A 1069 -7.35 19.04 -18.74
CA CYS A 1069 -7.80 17.91 -19.55
C CYS A 1069 -6.62 17.01 -19.93
N ARG A 1070 -5.52 17.61 -20.36
CA ARG A 1070 -4.33 16.82 -20.70
C ARG A 1070 -3.77 16.12 -19.46
N LEU A 1071 -3.77 16.81 -18.32
CA LEU A 1071 -3.25 16.21 -17.09
C LEU A 1071 -4.05 14.98 -16.70
N ILE A 1072 -5.37 15.04 -16.79
CA ILE A 1072 -6.20 13.89 -16.46
C ILE A 1072 -6.01 12.80 -17.50
N GLY A 1073 -5.97 13.18 -18.79
CA GLY A 1073 -5.85 12.18 -19.84
C GLY A 1073 -4.56 11.39 -19.79
N ARG A 1074 -3.48 12.02 -19.32
CA ARG A 1074 -2.21 11.31 -19.19
C ARG A 1074 -2.35 10.12 -18.25
N LEU A 1075 -2.92 10.35 -17.07
CA LEU A 1075 -3.14 9.25 -16.14
C LEU A 1075 -4.17 8.26 -16.66
N VAL A 1076 -5.17 8.74 -17.40
CA VAL A 1076 -6.18 7.85 -17.96
C VAL A 1076 -5.53 6.84 -18.90
N ASP A 1077 -4.69 7.33 -19.82
CA ASP A 1077 -4.01 6.43 -20.75
C ASP A 1077 -2.96 5.58 -20.05
N THR A 1078 -2.33 6.11 -19.00
CA THR A 1078 -1.37 5.31 -18.25
C THR A 1078 -2.05 4.10 -17.61
N MET A 1079 -3.23 4.31 -17.04
CA MET A 1079 -3.97 3.20 -16.44
C MET A 1079 -4.52 2.26 -17.51
N ALA A 1080 -4.98 2.83 -18.64
CA ALA A 1080 -5.54 2.00 -19.70
C ALA A 1080 -4.48 1.08 -20.30
N GLY A 1081 -3.28 1.60 -20.52
CA GLY A 1081 -2.22 0.82 -21.12
C GLY A 1081 -2.02 1.12 -22.59
N LYS A 1082 -1.01 1.92 -22.90
CA LYS A 1082 -0.72 2.33 -24.27
C LYS A 1082 0.69 1.91 -24.62
N SER A 1083 0.88 1.44 -25.87
CA SER A 1083 2.21 1.01 -26.31
C SER A 1083 3.23 2.14 -26.25
N PRO A 1084 2.97 3.36 -26.76
CA PRO A 1084 3.93 4.44 -26.55
C PRO A 1084 4.00 4.87 -25.09
N GLY A 1085 2.83 5.05 -24.47
CA GLY A 1085 2.75 5.40 -23.08
C GLY A 1085 3.01 6.87 -22.85
N PRO A 1086 2.26 7.48 -21.92
CA PRO A 1086 2.53 8.88 -21.56
C PRO A 1086 3.91 9.09 -20.96
N PHE A 1087 4.53 8.04 -20.43
CA PHE A 1087 5.89 8.09 -19.91
C PHE A 1087 6.74 7.02 -20.57
N PRO A 1088 8.03 7.27 -20.72
CA PRO A 1088 8.91 6.24 -21.31
C PRO A 1088 9.05 5.05 -20.39
N ASN A 1089 9.47 3.92 -20.99
CA ASN A 1089 9.67 2.71 -20.23
C ASN A 1089 10.72 2.92 -19.15
N CYS A 1090 10.40 2.51 -17.93
CA CYS A 1090 11.29 2.66 -16.79
C CYS A 1090 11.48 1.32 -16.09
N ASP A 1091 12.65 1.15 -15.47
CA ASP A 1091 12.98 -0.09 -14.79
C ASP A 1091 12.40 -0.03 -13.38
N TRP A 1092 11.27 -0.71 -13.18
CA TRP A 1092 10.64 -0.79 -11.87
C TRP A 1092 11.50 -1.48 -10.82
N ARG A 1093 12.49 -2.26 -11.23
CA ARG A 1093 13.38 -2.90 -10.27
C ARG A 1093 14.36 -1.92 -9.64
N PHE A 1094 14.53 -0.74 -10.22
CA PHE A 1094 15.47 0.24 -9.69
C PHE A 1094 14.86 1.63 -9.45
N ASN A 1095 13.68 1.91 -10.00
CA ASN A 1095 13.05 3.20 -9.78
C ASN A 1095 12.29 3.20 -8.46
N GLU A 1096 11.97 4.41 -7.98
CA GLU A 1096 11.23 4.55 -6.74
C GLU A 1096 9.77 4.14 -6.90
N PHE A 1097 9.21 4.29 -8.10
CA PHE A 1097 7.81 4.00 -8.33
C PHE A 1097 7.66 2.62 -8.95
N PRO A 1098 6.95 1.69 -8.31
CA PRO A 1098 6.77 0.36 -8.92
C PRO A 1098 6.01 0.40 -10.24
N ASN A 1099 5.10 1.35 -10.42
CA ASN A 1099 4.22 1.33 -11.57
C ASN A 1099 4.20 2.68 -12.28
N PRO A 1100 3.95 2.68 -13.59
CA PRO A 1100 3.72 3.95 -14.29
C PRO A 1100 2.52 4.71 -13.75
N ALA A 1101 1.50 4.01 -13.24
CA ALA A 1101 0.35 4.68 -12.64
C ALA A 1101 0.77 5.48 -11.42
N ALA A 1102 1.56 4.88 -10.53
CA ALA A 1102 2.05 5.61 -9.35
C ALA A 1102 2.97 6.74 -9.76
N HIS A 1103 3.84 6.51 -10.74
CA HIS A 1103 4.73 7.56 -11.23
C HIS A 1103 3.93 8.75 -11.76
N ALA A 1104 2.94 8.48 -12.60
CA ALA A 1104 2.14 9.56 -13.17
C ALA A 1104 1.34 10.28 -12.09
N LEU A 1105 0.77 9.53 -11.14
CA LEU A 1105 -0.02 10.14 -10.09
C LEU A 1105 0.80 11.11 -9.25
N HIS A 1106 2.00 10.68 -8.84
CA HIS A 1106 2.83 11.52 -8.00
C HIS A 1106 3.38 12.73 -8.77
N VAL A 1107 3.77 12.53 -10.03
CA VAL A 1107 4.23 13.65 -10.84
C VAL A 1107 3.13 14.67 -11.03
N THR A 1108 1.90 14.19 -11.32
CA THR A 1108 0.78 15.10 -11.50
C THR A 1108 0.48 15.88 -10.23
N CYS A 1109 0.51 15.20 -9.08
CA CYS A 1109 0.24 15.88 -7.81
C CYS A 1109 1.29 16.93 -7.52
N VAL A 1110 2.57 16.62 -7.76
CA VAL A 1110 3.63 17.60 -7.55
C VAL A 1110 3.44 18.80 -8.47
N GLU A 1111 3.13 18.54 -9.74
CA GLU A 1111 2.95 19.62 -10.70
C GLU A 1111 1.76 20.50 -10.31
N LEU A 1112 0.66 19.89 -9.84
CA LEU A 1112 -0.50 20.67 -9.44
C LEU A 1112 -0.21 21.50 -8.20
N MET A 1113 0.47 20.93 -7.20
CA MET A 1113 0.78 21.68 -5.99
C MET A 1113 1.82 22.77 -6.23
N ALA A 1114 2.63 22.66 -7.28
CA ALA A 1114 3.62 23.67 -7.59
C ALA A 1114 3.04 24.89 -8.29
N LEU A 1115 1.77 24.84 -8.69
CA LEU A 1115 1.16 25.96 -9.39
C LEU A 1115 0.90 27.12 -8.44
N ALA A 1116 0.94 28.34 -9.00
CA ALA A 1116 0.67 29.55 -8.23
C ALA A 1116 -0.80 29.94 -8.29
N VAL A 1117 -1.69 28.98 -8.04
CA VAL A 1117 -3.12 29.22 -7.97
C VAL A 1117 -3.68 28.46 -6.77
N SER A 1118 -4.85 28.89 -6.31
CA SER A 1118 -5.41 28.39 -5.06
C SER A 1118 -5.95 26.97 -5.23
N GLY A 1119 -6.03 26.26 -4.10
CA GLY A 1119 -6.57 24.91 -4.12
C GLY A 1119 -8.02 24.85 -4.53
N LYS A 1120 -8.80 25.87 -4.18
CA LYS A 1120 -10.19 25.92 -4.61
C LYS A 1120 -10.29 25.96 -6.14
N GLU A 1121 -9.46 26.80 -6.77
CA GLU A 1121 -9.47 26.87 -8.23
C GLU A 1121 -8.98 25.57 -8.85
N VAL A 1122 -7.93 24.96 -8.28
CA VAL A 1122 -7.42 23.70 -8.82
C VAL A 1122 -8.48 22.62 -8.76
N GLY A 1123 -9.11 22.45 -7.59
CA GLY A 1123 -10.14 21.45 -7.46
C GLY A 1123 -11.34 21.72 -8.35
N ASN A 1124 -11.79 22.97 -8.39
CA ASN A 1124 -12.95 23.31 -9.21
C ASN A 1124 -12.68 23.02 -10.68
N ALA A 1125 -11.48 23.36 -11.17
CA ALA A 1125 -11.14 23.04 -12.55
C ALA A 1125 -11.09 21.54 -12.78
N LEU A 1126 -10.54 20.79 -11.82
CA LEU A 1126 -10.44 19.34 -11.98
C LEU A 1126 -11.82 18.69 -12.09
N LEU A 1127 -12.77 19.11 -11.23
CA LEU A 1127 -14.14 18.62 -11.36
C LEU A 1127 -14.79 19.13 -12.64
N ASN A 1128 -14.52 20.39 -13.00
CA ASN A 1128 -15.15 20.97 -14.18
C ASN A 1128 -14.74 20.26 -15.46
N VAL A 1129 -13.58 19.59 -15.46
CA VAL A 1129 -13.13 18.83 -16.62
C VAL A 1129 -14.22 17.89 -17.11
N VAL A 1130 -14.96 17.30 -16.18
CA VAL A 1130 -16.08 16.42 -16.52
C VAL A 1130 -17.42 17.12 -16.35
N LEU A 1131 -17.59 17.89 -15.27
CA LEU A 1131 -18.89 18.46 -14.96
C LEU A 1131 -19.33 19.56 -15.93
N LYS A 1132 -18.44 20.06 -16.78
CA LYS A 1132 -18.81 20.94 -17.86
C LYS A 1132 -18.34 20.33 -19.18
N SER A 1133 -19.24 20.29 -20.17
CA SER A 1133 -18.93 19.65 -21.43
C SER A 1133 -17.79 20.36 -22.14
N GLN A 1134 -16.81 19.57 -22.58
CA GLN A 1134 -15.63 20.08 -23.28
C GLN A 1134 -15.25 19.09 -24.38
N PRO A 1135 -14.54 19.56 -25.41
CA PRO A 1135 -13.99 18.62 -26.40
C PRO A 1135 -12.86 17.79 -25.82
N LEU A 1136 -12.28 16.88 -26.63
CA LEU A 1136 -11.21 15.97 -26.23
C LEU A 1136 -11.48 15.31 -24.87
N VAL A 1137 -12.74 15.13 -24.52
CA VAL A 1137 -13.14 14.32 -23.37
C VAL A 1137 -14.17 13.32 -23.90
N PRO A 1138 -13.74 12.25 -24.54
CA PRO A 1138 -14.69 11.35 -25.20
C PRO A 1138 -15.61 10.66 -24.20
N ARG A 1139 -16.84 10.41 -24.64
CA ARG A 1139 -17.78 9.63 -23.84
C ARG A 1139 -17.40 8.15 -23.92
N GLU A 1140 -18.20 7.32 -23.24
CA GLU A 1140 -18.00 5.87 -23.11
C GLU A 1140 -16.74 5.54 -22.31
N ASN A 1141 -16.00 6.53 -21.85
CA ASN A 1141 -14.85 6.34 -20.99
C ASN A 1141 -14.94 7.30 -19.81
N ILE A 1142 -16.10 7.93 -19.62
CA ILE A 1142 -16.29 8.95 -18.59
C ILE A 1142 -16.05 8.39 -17.20
N THR A 1143 -16.31 7.09 -17.01
CA THR A 1143 -16.12 6.49 -15.68
C THR A 1143 -14.64 6.47 -15.30
N ALA A 1144 -13.76 6.14 -16.25
CA ALA A 1144 -12.34 6.16 -15.96
C ALA A 1144 -11.80 7.57 -15.85
N TRP A 1145 -12.39 8.53 -16.56
CA TRP A 1145 -12.05 9.93 -16.31
C TRP A 1145 -12.40 10.33 -14.89
N MET A 1146 -13.58 9.92 -14.40
CA MET A 1146 -13.94 10.19 -13.02
C MET A 1146 -13.01 9.47 -12.06
N ASN A 1147 -12.59 8.25 -12.41
CA ASN A 1147 -11.66 7.51 -11.58
C ASN A 1147 -10.33 8.24 -11.44
N ALA A 1148 -9.81 8.75 -12.55
CA ALA A 1148 -8.54 9.49 -12.50
C ALA A 1148 -8.70 10.78 -11.71
N ILE A 1149 -9.81 11.49 -11.90
CA ILE A 1149 -10.03 12.73 -11.15
C ILE A 1149 -10.13 12.45 -9.66
N GLY A 1150 -10.86 11.39 -9.29
CA GLY A 1150 -10.97 11.03 -7.88
C GLY A 1150 -9.63 10.67 -7.28
N LEU A 1151 -8.81 9.91 -8.00
CA LEU A 1151 -7.48 9.54 -7.51
C LEU A 1151 -6.64 10.79 -7.26
N ILE A 1152 -6.60 11.71 -8.23
CA ILE A 1152 -5.76 12.89 -8.11
C ILE A 1152 -6.24 13.77 -6.98
N ILE A 1153 -7.55 14.02 -6.90
CA ILE A 1153 -8.07 14.93 -5.89
C ILE A 1153 -7.96 14.33 -4.50
N THR A 1154 -8.06 13.00 -4.37
CA THR A 1154 -7.86 12.39 -3.05
C THR A 1154 -6.40 12.50 -2.62
N ALA A 1155 -5.47 12.32 -3.55
CA ALA A 1155 -4.07 12.49 -3.23
C ALA A 1155 -3.73 13.95 -2.91
N LEU A 1156 -4.50 14.89 -3.40
CA LEU A 1156 -4.25 16.31 -3.15
C LEU A 1156 -4.66 16.68 -1.72
N PRO A 1157 -4.12 17.78 -1.19
CA PRO A 1157 -4.43 18.17 0.20
C PRO A 1157 -5.88 18.59 0.41
N GLU A 1158 -6.19 18.96 1.67
CA GLU A 1158 -7.57 19.24 2.04
C GLU A 1158 -8.19 20.41 1.28
N PRO A 1159 -7.54 21.56 1.09
CA PRO A 1159 -8.20 22.65 0.35
C PRO A 1159 -8.52 22.33 -1.10
N TYR A 1160 -8.10 21.16 -1.59
CA TYR A 1160 -8.32 20.78 -2.98
C TYR A 1160 -9.55 19.90 -3.18
N TRP A 1161 -9.86 19.01 -2.23
CA TRP A 1161 -11.01 18.12 -2.35
C TRP A 1161 -12.18 18.55 -1.48
N ILE A 1162 -12.14 19.75 -0.90
CA ILE A 1162 -13.28 20.25 -0.11
C ILE A 1162 -14.35 20.87 -0.99
N VAL A 1163 -14.05 21.10 -2.28
CA VAL A 1163 -15.02 21.72 -3.18
C VAL A 1163 -16.16 20.80 -3.57
N LEU A 1164 -16.02 19.49 -3.32
CA LEU A 1164 -17.10 18.57 -3.62
C LEU A 1164 -18.36 18.89 -2.82
N HIS A 1165 -18.19 19.36 -1.58
CA HIS A 1165 -19.33 19.73 -0.77
C HIS A 1165 -20.08 20.91 -1.37
N ASP A 1166 -19.34 21.93 -1.85
CA ASP A 1166 -19.99 23.07 -2.49
C ASP A 1166 -20.70 22.65 -3.77
N ARG A 1167 -20.08 21.77 -4.56
CA ARG A 1167 -20.73 21.27 -5.76
C ARG A 1167 -22.01 20.51 -5.43
N ILE A 1168 -21.96 19.69 -4.38
CA ILE A 1168 -23.15 18.94 -3.97
C ILE A 1168 -24.26 19.88 -3.55
N VAL A 1169 -23.93 20.90 -2.75
CA VAL A 1169 -24.93 21.87 -2.30
C VAL A 1169 -25.54 22.60 -3.49
N SER A 1170 -24.69 22.99 -4.46
CA SER A 1170 -25.20 23.67 -5.65
C SER A 1170 -26.17 22.79 -6.42
N VAL A 1171 -25.90 21.48 -6.47
CA VAL A 1171 -26.82 20.56 -7.13
C VAL A 1171 -28.11 20.41 -6.34
N ILE A 1172 -28.01 20.39 -5.00
CA ILE A 1172 -29.20 20.26 -4.16
C ILE A 1172 -30.15 21.43 -4.38
N SER A 1173 -29.61 22.65 -4.39
CA SER A 1173 -30.42 23.85 -4.49
C SER A 1173 -30.86 24.15 -5.92
N SER A 1174 -30.71 23.20 -6.85
CA SER A 1174 -31.04 23.42 -8.24
C SER A 1174 -32.54 23.24 -8.49
N PRO A 1175 -33.07 23.90 -9.53
CA PRO A 1175 -34.50 23.75 -9.84
C PRO A 1175 -34.90 22.33 -10.19
N SER A 1176 -33.98 21.48 -10.65
CA SER A 1176 -34.35 20.11 -10.99
C SER A 1176 -34.88 19.36 -9.78
N LEU A 1177 -34.22 19.52 -8.64
CA LEU A 1177 -34.66 18.88 -7.41
C LEU A 1177 -35.62 19.74 -6.60
N THR A 1178 -35.63 21.05 -6.84
CA THR A 1178 -36.51 21.96 -6.11
C THR A 1178 -37.92 22.01 -6.70
N SER A 1179 -38.08 21.73 -7.99
CA SER A 1179 -39.37 21.81 -8.64
C SER A 1179 -40.35 20.80 -8.06
N GLU A 1180 -41.63 21.18 -8.04
CA GLU A 1180 -42.70 20.35 -7.51
C GLU A 1180 -43.45 19.58 -8.58
N THR A 1181 -42.93 19.58 -9.82
CA THR A 1181 -43.60 18.84 -10.90
C THR A 1181 -43.61 17.36 -10.59
N GLU A 1182 -44.77 16.73 -10.74
CA GLU A 1182 -44.92 15.30 -10.49
C GLU A 1182 -44.33 14.49 -11.64
N TRP A 1183 -43.84 13.30 -11.29
CA TRP A 1183 -43.26 12.38 -12.26
C TRP A 1183 -43.96 11.04 -12.17
N VAL A 1184 -44.00 10.33 -13.29
CA VAL A 1184 -44.51 8.96 -13.32
C VAL A 1184 -43.35 8.02 -13.01
N GLY A 1185 -43.50 7.20 -11.98
CA GLY A 1185 -42.45 6.29 -11.58
C GLY A 1185 -41.32 6.97 -10.85
N TYR A 1186 -40.37 6.15 -10.42
CA TYR A 1186 -39.20 6.65 -9.71
C TYR A 1186 -38.31 7.45 -10.68
N PRO A 1187 -37.75 8.58 -10.24
CA PRO A 1187 -36.88 9.35 -11.12
C PRO A 1187 -35.53 8.69 -11.33
N PHE A 1188 -35.51 7.59 -12.09
CA PHE A 1188 -34.28 6.84 -12.29
C PHE A 1188 -33.24 7.64 -13.06
N ARG A 1189 -33.66 8.32 -14.13
CA ARG A 1189 -32.71 9.04 -14.97
C ARG A 1189 -32.14 10.27 -14.26
N LEU A 1190 -32.77 10.74 -13.20
CA LEU A 1190 -32.24 11.87 -12.45
C LEU A 1190 -30.94 11.51 -11.73
N PHE A 1191 -30.83 10.27 -11.26
CA PHE A 1191 -29.67 9.83 -10.49
C PHE A 1191 -28.79 8.85 -11.27
N ASP A 1192 -29.09 8.62 -12.54
CA ASP A 1192 -28.32 7.69 -13.36
C ASP A 1192 -27.59 8.46 -14.45
N PHE A 1193 -26.27 8.28 -14.53
CA PHE A 1193 -25.47 8.95 -15.54
C PHE A 1193 -25.45 8.20 -16.87
N THR A 1194 -25.88 6.95 -16.90
CA THR A 1194 -25.97 6.19 -18.15
C THR A 1194 -27.39 6.22 -18.70
N ALA A 1195 -27.84 7.44 -19.03
CA ALA A 1195 -29.16 7.66 -19.59
C ALA A 1195 -29.06 8.09 -21.04
N CYS A 1196 -30.18 7.96 -21.76
CA CYS A 1196 -30.19 8.23 -23.19
C CYS A 1196 -29.87 9.69 -23.49
N HIS A 1197 -30.73 10.61 -23.03
CA HIS A 1197 -30.54 12.03 -23.26
C HIS A 1197 -30.85 12.76 -21.97
N GLN A 1198 -29.85 13.47 -21.42
CA GLN A 1198 -29.94 14.02 -20.08
C GLN A 1198 -30.03 15.54 -20.06
N SER A 1199 -30.48 16.15 -21.17
CA SER A 1199 -30.66 17.60 -21.24
C SER A 1199 -29.43 18.32 -20.69
N TYR A 1200 -29.61 19.18 -19.70
CA TYR A 1200 -28.46 19.69 -18.97
C TYR A 1200 -28.55 19.52 -17.46
N SER A 1201 -29.73 19.74 -16.87
CA SER A 1201 -29.82 19.78 -15.42
C SER A 1201 -29.71 18.40 -14.81
N GLU A 1202 -30.43 17.42 -15.35
CA GLU A 1202 -30.31 16.05 -14.85
C GLU A 1202 -28.95 15.46 -15.21
N MET A 1203 -28.35 15.92 -16.32
CA MET A 1203 -26.98 15.54 -16.62
C MET A 1203 -26.03 16.00 -15.52
N SER A 1204 -26.19 17.25 -15.09
CA SER A 1204 -25.34 17.77 -14.02
C SER A 1204 -25.55 17.00 -12.73
N CYS A 1205 -26.81 16.69 -12.40
CA CYS A 1205 -27.10 15.95 -11.17
C CYS A 1205 -26.46 14.56 -11.20
N SER A 1206 -26.67 13.83 -12.30
CA SER A 1206 -26.14 12.48 -12.39
C SER A 1206 -24.62 12.46 -12.39
N TYR A 1207 -23.99 13.38 -13.13
CA TYR A 1207 -22.53 13.42 -13.18
C TYR A 1207 -21.94 13.83 -11.84
N THR A 1208 -22.61 14.75 -11.12
CA THR A 1208 -22.16 15.10 -9.79
C THR A 1208 -22.24 13.91 -8.83
N LEU A 1209 -23.33 13.14 -8.91
CA LEU A 1209 -23.45 11.94 -8.10
C LEU A 1209 -22.33 10.95 -8.40
N ALA A 1210 -22.07 10.71 -9.69
CA ALA A 1210 -21.03 9.74 -10.06
C ALA A 1210 -19.65 10.22 -9.64
N LEU A 1211 -19.36 11.52 -9.80
CA LEU A 1211 -18.08 12.05 -9.37
C LEU A 1211 -17.91 11.94 -7.86
N ALA A 1212 -18.97 12.24 -7.10
CA ALA A 1212 -18.91 12.11 -5.65
C ALA A 1212 -18.68 10.66 -5.25
N HIS A 1213 -19.32 9.72 -5.94
CA HIS A 1213 -19.11 8.30 -5.65
C HIS A 1213 -17.66 7.90 -5.89
N ALA A 1214 -17.08 8.36 -7.01
CA ALA A 1214 -15.68 8.03 -7.30
C ALA A 1214 -14.74 8.63 -6.26
N VAL A 1215 -14.97 9.90 -5.89
CA VAL A 1215 -14.08 10.55 -4.93
C VAL A 1215 -14.14 9.87 -3.57
N TRP A 1216 -15.36 9.56 -3.11
CA TRP A 1216 -15.51 8.94 -1.81
C TRP A 1216 -15.13 7.45 -1.82
N HIS A 1217 -15.10 6.82 -2.99
CA HIS A 1217 -14.57 5.46 -3.08
C HIS A 1217 -13.05 5.46 -2.98
N HIS A 1218 -12.39 6.46 -3.57
CA HIS A 1218 -10.95 6.57 -3.53
C HIS A 1218 -10.43 7.30 -2.29
N SER A 1219 -11.32 7.86 -1.47
CA SER A 1219 -10.91 8.59 -0.30
C SER A 1219 -10.56 7.64 0.84
N SER A 1220 -9.87 8.18 1.85
CA SER A 1220 -9.54 7.44 3.06
C SER A 1220 -10.58 7.71 4.13
N ILE A 1221 -10.48 6.95 5.23
CA ILE A 1221 -11.47 7.06 6.30
C ILE A 1221 -11.36 8.41 7.00
N GLY A 1222 -10.14 8.92 7.17
CA GLY A 1222 -9.98 10.23 7.77
C GLY A 1222 -10.62 11.33 6.96
N GLN A 1223 -10.58 11.21 5.63
CA GLN A 1223 -11.24 12.16 4.76
C GLN A 1223 -12.75 11.94 4.75
N LEU A 1224 -13.21 10.70 4.91
CA LEU A 1224 -14.63 10.42 5.01
C LEU A 1224 -15.23 10.88 6.34
N SER A 1225 -14.39 11.18 7.33
CA SER A 1225 -14.88 11.58 8.64
C SER A 1225 -15.61 12.92 8.61
N LEU A 1226 -15.41 13.72 7.56
CA LEU A 1226 -16.08 15.01 7.45
C LEU A 1226 -17.50 14.90 6.92
N ILE A 1227 -17.88 13.76 6.34
CA ILE A 1227 -19.23 13.61 5.79
C ILE A 1227 -20.31 13.76 6.84
N PRO A 1228 -20.23 13.13 8.03
CA PRO A 1228 -21.30 13.33 9.02
C PRO A 1228 -21.46 14.78 9.46
N LYS A 1229 -20.37 15.49 9.70
CA LYS A 1229 -20.47 16.90 10.09
C LYS A 1229 -21.03 17.74 8.95
N PHE A 1230 -20.59 17.48 7.72
CA PHE A 1230 -21.16 18.15 6.55
C PHE A 1230 -22.65 17.91 6.46
N LEU A 1231 -23.07 16.66 6.69
CA LEU A 1231 -24.48 16.31 6.55
C LEU A 1231 -25.32 16.98 7.63
N THR A 1232 -24.81 17.04 8.86
CA THR A 1232 -25.56 17.60 9.98
C THR A 1232 -25.59 19.13 9.95
N GLU A 1233 -24.54 19.77 9.44
CA GLU A 1233 -24.43 21.22 9.53
C GLU A 1233 -24.86 21.96 8.27
N VAL A 1234 -24.67 21.38 7.09
CA VAL A 1234 -24.90 22.07 5.82
C VAL A 1234 -26.18 21.58 5.15
N LEU A 1235 -26.28 20.28 4.88
CA LEU A 1235 -27.40 19.75 4.11
C LEU A 1235 -28.69 19.67 4.93
N LEU A 1236 -28.58 19.51 6.25
CA LEU A 1236 -29.77 19.32 7.07
C LEU A 1236 -30.77 20.47 6.99
N PRO A 1237 -30.39 21.74 7.10
CA PRO A 1237 -31.38 22.82 7.09
C PRO A 1237 -31.82 23.28 5.70
N ILE A 1238 -31.43 22.60 4.62
CA ILE A 1238 -31.81 23.01 3.28
C ILE A 1238 -32.57 21.92 2.52
N VAL A 1239 -32.78 20.75 3.12
CA VAL A 1239 -33.51 19.67 2.48
C VAL A 1239 -34.98 19.80 2.87
N LYS A 1240 -35.84 20.03 1.88
CA LYS A 1240 -37.27 20.17 2.10
C LYS A 1240 -38.13 19.37 1.16
N THR A 1241 -37.56 18.71 0.14
CA THR A 1241 -38.33 17.97 -0.83
C THR A 1241 -37.84 16.54 -0.93
N GLU A 1242 -38.72 15.69 -1.46
CA GLU A 1242 -38.45 14.27 -1.56
C GLU A 1242 -37.29 13.99 -2.49
N PHE A 1243 -37.21 14.74 -3.58
CA PHE A 1243 -36.14 14.56 -4.55
C PHE A 1243 -34.79 14.84 -3.90
N GLN A 1244 -34.72 15.88 -3.07
CA GLN A 1244 -33.51 16.16 -2.31
C GLN A 1244 -33.21 15.05 -1.31
N LEU A 1245 -34.24 14.54 -0.63
CA LEU A 1245 -34.04 13.46 0.33
C LEU A 1245 -33.51 12.21 -0.37
N LEU A 1246 -34.10 11.87 -1.51
CA LEU A 1246 -33.64 10.71 -2.27
C LEU A 1246 -32.22 10.92 -2.79
N TYR A 1247 -31.91 12.15 -3.22
CA TYR A 1247 -30.56 12.44 -3.70
C TYR A 1247 -29.54 12.25 -2.59
N VAL A 1248 -29.84 12.73 -1.39
CA VAL A 1248 -28.91 12.57 -0.27
C VAL A 1248 -28.77 11.10 0.09
N TYR A 1249 -29.88 10.34 0.05
CA TYR A 1249 -29.81 8.91 0.30
C TYR A 1249 -28.91 8.22 -0.71
N HIS A 1250 -29.02 8.61 -1.98
CA HIS A 1250 -28.14 8.05 -3.01
C HIS A 1250 -26.68 8.46 -2.78
N LEU A 1251 -26.46 9.71 -2.34
CA LEU A 1251 -25.10 10.20 -2.11
C LEU A 1251 -24.40 9.37 -1.03
N VAL A 1252 -25.02 9.21 0.13
CA VAL A 1252 -24.34 8.70 1.31
C VAL A 1252 -24.63 7.22 1.56
N GLY A 1253 -25.62 6.64 0.88
CA GLY A 1253 -26.02 5.28 1.11
C GLY A 1253 -24.95 4.21 0.92
N PRO A 1254 -24.30 4.18 -0.24
CA PRO A 1254 -23.35 3.07 -0.51
C PRO A 1254 -22.16 3.03 0.43
N PHE A 1255 -21.84 4.11 1.11
CA PHE A 1255 -20.62 4.19 1.91
C PHE A 1255 -20.85 3.96 3.40
N LEU A 1256 -22.01 3.40 3.76
CA LEU A 1256 -22.26 3.07 5.16
C LEU A 1256 -21.47 1.85 5.59
N GLN A 1257 -21.20 0.92 4.67
CA GLN A 1257 -20.43 -0.27 5.02
C GLN A 1257 -19.04 0.10 5.51
N ARG A 1258 -18.38 1.05 4.84
CA ARG A 1258 -17.07 1.47 5.28
C ARG A 1258 -17.13 2.05 6.69
N PHE A 1259 -18.02 3.01 6.92
CA PHE A 1259 -18.17 3.56 8.27
C PHE A 1259 -18.38 2.44 9.29
N GLN A 1260 -19.18 1.43 8.95
CA GLN A 1260 -19.39 0.32 9.87
C GLN A 1260 -18.09 -0.39 10.18
N GLN A 1261 -17.23 -0.59 9.17
CA GLN A 1261 -15.98 -1.32 9.40
C GLN A 1261 -14.96 -0.48 10.15
N GLU A 1262 -14.85 0.81 9.85
CA GLU A 1262 -13.88 1.66 10.55
C GLU A 1262 -14.48 2.47 11.69
N ARG A 1263 -15.50 3.30 11.45
CA ARG A 1263 -15.92 4.29 12.45
C ARG A 1263 -17.43 4.23 12.68
N THR A 1264 -17.83 3.83 13.88
CA THR A 1264 -19.23 3.59 14.21
C THR A 1264 -19.99 4.84 14.64
N ARG A 1265 -19.34 5.76 15.35
CA ARG A 1265 -20.00 6.99 15.77
C ARG A 1265 -20.48 7.80 14.57
N CYS A 1266 -19.68 7.83 13.50
CA CYS A 1266 -20.08 8.49 12.28
C CYS A 1266 -21.33 7.85 11.69
N MET A 1267 -21.40 6.51 11.72
CA MET A 1267 -22.58 5.81 11.22
C MET A 1267 -23.82 6.19 12.02
N ILE A 1268 -23.70 6.25 13.34
CA ILE A 1268 -24.84 6.62 14.17
C ILE A 1268 -25.31 8.04 13.86
N GLU A 1269 -24.36 8.96 13.71
CA GLU A 1269 -24.71 10.34 13.39
C GLU A 1269 -25.39 10.42 12.02
N ILE A 1270 -24.90 9.64 11.05
CA ILE A 1270 -25.50 9.65 9.72
C ILE A 1270 -26.95 9.16 9.78
N GLY A 1271 -27.19 8.10 10.55
CA GLY A 1271 -28.55 7.60 10.68
C GLY A 1271 -29.49 8.61 11.32
N VAL A 1272 -29.04 9.26 12.38
CA VAL A 1272 -29.87 10.28 13.04
C VAL A 1272 -30.15 11.44 12.09
N ALA A 1273 -29.14 11.85 11.32
CA ALA A 1273 -29.32 12.93 10.36
C ALA A 1273 -30.34 12.55 9.29
N PHE A 1274 -30.29 11.31 8.82
CA PHE A 1274 -31.27 10.85 7.83
C PHE A 1274 -32.69 10.92 8.39
N TYR A 1275 -32.87 10.49 9.64
CA TYR A 1275 -34.21 10.53 10.23
C TYR A 1275 -34.71 11.96 10.40
N ASP A 1276 -33.84 12.88 10.82
CA ASP A 1276 -34.25 14.27 10.94
C ASP A 1276 -34.60 14.87 9.59
N MET A 1277 -33.84 14.51 8.54
CA MET A 1277 -34.17 14.97 7.20
C MET A 1277 -35.53 14.45 6.75
N LEU A 1278 -35.83 13.19 7.06
CA LEU A 1278 -37.14 12.64 6.73
C LEU A 1278 -38.25 13.41 7.43
N LEU A 1279 -38.04 13.77 8.70
CA LEU A 1279 -39.04 14.55 9.42
C LEU A 1279 -39.23 15.92 8.78
N ASN A 1280 -38.13 16.57 8.40
CA ASN A 1280 -38.24 17.89 7.78
C ASN A 1280 -38.99 17.81 6.45
N VAL A 1281 -38.68 16.81 5.63
CA VAL A 1281 -39.38 16.66 4.36
C VAL A 1281 -40.85 16.36 4.58
N ASP A 1282 -41.16 15.49 5.55
CA ASP A 1282 -42.55 15.18 5.85
C ASP A 1282 -43.31 16.43 6.30
N GLN A 1283 -42.71 17.24 7.17
CA GLN A 1283 -43.38 18.43 7.65
C GLN A 1283 -43.61 19.44 6.53
N CYS A 1284 -42.62 19.61 5.64
CA CYS A 1284 -42.74 20.63 4.60
C CYS A 1284 -43.71 20.20 3.50
N SER A 1285 -43.63 18.95 3.06
CA SER A 1285 -44.41 18.52 1.92
C SER A 1285 -45.85 18.19 2.30
N THR A 1286 -46.74 18.29 1.32
CA THR A 1286 -48.14 17.97 1.54
C THR A 1286 -48.38 16.47 1.63
N HIS A 1287 -47.69 15.68 0.80
CA HIS A 1287 -47.85 14.24 0.81
C HIS A 1287 -46.59 13.59 0.26
N LEU A 1288 -46.40 12.31 0.59
CA LEU A 1288 -45.22 11.56 0.19
C LEU A 1288 -45.58 10.51 -0.86
N ASN A 1289 -44.84 10.53 -1.98
CA ASN A 1289 -45.07 9.63 -3.10
C ASN A 1289 -44.06 8.50 -3.17
N TYR A 1290 -42.99 8.54 -2.39
CA TYR A 1290 -41.96 7.51 -2.41
C TYR A 1290 -41.76 6.95 -1.01
N MET A 1291 -42.88 6.79 -0.29
CA MET A 1291 -42.86 6.20 1.04
C MET A 1291 -42.25 4.81 1.02
N ASP A 1292 -42.63 3.99 0.04
CA ASP A 1292 -42.11 2.62 -0.02
C ASP A 1292 -40.60 2.58 -0.22
N PRO A 1293 -40.00 3.30 -1.18
CA PRO A 1293 -38.52 3.31 -1.25
C PRO A 1293 -37.86 3.85 0.00
N ILE A 1294 -38.40 4.91 0.60
CA ILE A 1294 -37.78 5.51 1.78
C ILE A 1294 -37.81 4.52 2.94
N CYS A 1295 -38.97 3.90 3.18
CA CYS A 1295 -39.08 2.95 4.28
C CYS A 1295 -38.24 1.71 4.04
N ASP A 1296 -38.18 1.25 2.78
CA ASP A 1296 -37.33 0.09 2.48
C ASP A 1296 -35.87 0.38 2.78
N PHE A 1297 -35.39 1.57 2.41
CA PHE A 1297 -34.01 1.92 2.68
C PHE A 1297 -33.76 2.03 4.19
N LEU A 1298 -34.69 2.62 4.93
CA LEU A 1298 -34.53 2.75 6.37
C LEU A 1298 -34.52 1.37 7.05
N TYR A 1299 -35.42 0.49 6.63
CA TYR A 1299 -35.44 -0.86 7.20
C TYR A 1299 -34.15 -1.61 6.88
N HIS A 1300 -33.65 -1.46 5.65
CA HIS A 1300 -32.38 -2.08 5.29
C HIS A 1300 -31.24 -1.55 6.15
N MET A 1301 -31.24 -0.24 6.40
CA MET A 1301 -30.23 0.36 7.27
C MET A 1301 -30.27 -0.26 8.67
N LYS A 1302 -31.45 -0.28 9.29
CA LYS A 1302 -31.56 -0.79 10.65
C LYS A 1302 -31.18 -2.25 10.73
N TYR A 1303 -31.56 -3.03 9.72
CA TYR A 1303 -31.42 -4.48 9.77
C TYR A 1303 -30.06 -4.97 9.29
N MET A 1304 -29.24 -4.10 8.71
CA MET A 1304 -27.93 -4.51 8.22
C MET A 1304 -26.78 -3.78 8.89
N PHE A 1305 -26.89 -2.47 9.12
CA PHE A 1305 -25.77 -1.68 9.64
C PHE A 1305 -26.02 -1.16 11.05
N THR A 1306 -27.10 -0.41 11.26
CA THR A 1306 -27.28 0.28 12.53
C THR A 1306 -27.70 -0.68 13.64
N GLY A 1307 -28.64 -1.58 13.35
CA GLY A 1307 -29.16 -2.42 14.41
C GLY A 1307 -30.00 -1.62 15.39
N ASP A 1308 -30.06 -2.09 16.63
CA ASP A 1308 -30.75 -1.39 17.69
C ASP A 1308 -29.87 -0.37 18.39
N SER A 1309 -28.78 0.07 17.72
CA SER A 1309 -27.85 1.01 18.35
C SER A 1309 -28.52 2.34 18.67
N VAL A 1310 -29.32 2.86 17.75
CA VAL A 1310 -30.01 4.13 17.93
C VAL A 1310 -31.50 3.84 18.07
N LYS A 1311 -32.03 4.09 19.26
CA LYS A 1311 -33.47 4.05 19.49
C LYS A 1311 -33.99 5.32 20.16
N GLU A 1312 -33.28 5.84 21.15
CA GLU A 1312 -33.77 7.02 21.88
C GLU A 1312 -33.79 8.25 20.98
N GLN A 1313 -32.79 8.39 20.12
CA GLN A 1313 -32.69 9.53 19.22
C GLN A 1313 -33.64 9.45 18.04
N VAL A 1314 -34.30 8.30 17.83
CA VAL A 1314 -35.21 8.15 16.70
C VAL A 1314 -36.66 7.97 17.13
N GLU A 1315 -36.94 7.62 18.39
CA GLU A 1315 -38.33 7.49 18.83
C GLU A 1315 -39.06 8.82 18.71
N LYS A 1316 -38.44 9.90 19.19
CA LYS A 1316 -39.08 11.21 19.14
C LYS A 1316 -39.36 11.63 17.71
N ILE A 1317 -38.43 11.32 16.80
CA ILE A 1317 -38.59 11.72 15.41
C ILE A 1317 -39.71 10.92 14.74
N ILE A 1318 -39.78 9.62 15.02
CA ILE A 1318 -40.82 8.79 14.41
C ILE A 1318 -42.20 9.15 14.95
N CYS A 1319 -42.28 9.48 16.25
CA CYS A 1319 -43.58 9.79 16.84
C CYS A 1319 -44.20 11.06 16.27
N ASN A 1320 -43.40 11.96 15.71
CA ASN A 1320 -43.92 13.21 15.16
C ASN A 1320 -44.23 13.16 13.68
N LEU A 1321 -44.08 12.00 13.05
CA LEU A 1321 -44.36 11.87 11.63
C LEU A 1321 -45.86 11.78 11.38
N LYS A 1322 -46.25 11.92 10.11
CA LYS A 1322 -47.64 11.81 9.73
C LYS A 1322 -48.11 10.36 9.85
N PRO A 1323 -49.42 10.13 10.00
CA PRO A 1323 -49.91 8.78 10.27
C PRO A 1323 -49.53 7.74 9.24
N ALA A 1324 -49.43 8.12 7.96
CA ALA A 1324 -49.07 7.15 6.93
C ALA A 1324 -47.65 6.62 7.13
N LEU A 1325 -46.68 7.52 7.31
CA LEU A 1325 -45.32 7.10 7.59
C LEU A 1325 -45.21 6.39 8.94
N LYS A 1326 -46.03 6.80 9.92
CA LYS A 1326 -46.02 6.12 11.20
C LYS A 1326 -46.49 4.68 11.05
N LEU A 1327 -47.52 4.45 10.23
CA LEU A 1327 -47.98 3.10 9.98
C LEU A 1327 -46.89 2.25 9.32
N ARG A 1328 -46.15 2.83 8.37
CA ARG A 1328 -45.11 2.09 7.68
C ARG A 1328 -43.93 1.80 8.60
N LEU A 1329 -43.47 2.80 9.35
CA LEU A 1329 -42.25 2.70 10.14
C LEU A 1329 -42.53 2.31 11.59
N ARG A 1330 -43.58 1.55 11.85
CA ARG A 1330 -43.92 1.20 13.23
C ARG A 1330 -43.00 0.16 13.82
N PHE A 1331 -42.32 -0.64 13.00
CA PHE A 1331 -41.44 -1.70 13.50
C PHE A 1331 -40.02 -1.25 13.75
N ILE A 1332 -39.65 -0.02 13.38
CA ILE A 1332 -38.28 0.44 13.64
C ILE A 1332 -38.03 0.54 15.13
N THR A 1333 -39.07 0.90 15.90
CA THR A 1333 -38.93 1.07 17.34
C THR A 1333 -38.54 -0.23 18.02
N HIS A 1334 -39.03 -1.36 17.53
CA HIS A 1334 -38.75 -2.65 18.15
C HIS A 1334 -37.31 -3.09 17.85
N PRO B 308 24.75 -30.65 -2.68
CA PRO B 308 24.66 -29.20 -2.92
C PRO B 308 23.52 -28.82 -3.87
N SER B 309 22.38 -29.50 -3.74
CA SER B 309 21.22 -29.18 -4.56
C SER B 309 20.67 -27.81 -4.19
N ILE B 310 20.43 -26.98 -5.19
CA ILE B 310 19.94 -25.61 -4.99
C ILE B 310 18.61 -25.50 -5.71
N HIS B 311 17.52 -25.52 -4.93
CA HIS B 311 16.15 -25.45 -5.43
C HIS B 311 15.46 -24.22 -4.83
N PHE B 312 14.13 -24.13 -5.01
CA PHE B 312 13.38 -23.00 -4.46
C PHE B 312 13.21 -23.09 -2.95
N TRP B 313 13.27 -24.28 -2.38
CA TRP B 313 12.95 -24.55 -0.98
C TRP B 313 14.21 -24.78 -0.16
N SER B 314 15.33 -24.23 -0.60
CA SER B 314 16.61 -24.33 0.08
C SER B 314 16.91 -23.02 0.81
N THR B 315 17.85 -23.09 1.75
CA THR B 315 18.20 -21.95 2.57
C THR B 315 19.71 -21.88 2.74
N LEU B 316 20.20 -20.69 3.09
CA LEU B 316 21.63 -20.44 3.23
C LEU B 316 22.24 -21.26 4.37
N PRO B 318 23.14 -24.50 6.04
CA PRO B 318 23.36 -25.89 5.65
C PRO B 318 22.62 -26.88 6.54
#